data_8J91
#
_entry.id   8J91
#
_cell.length_a   1.00
_cell.length_b   1.00
_cell.length_c   1.00
_cell.angle_alpha   90.00
_cell.angle_beta   90.00
_cell.angle_gamma   90.00
#
_symmetry.space_group_name_H-M   'P 1'
#
loop_
_entity.id
_entity.type
_entity.pdbx_description
1 polymer 'Histone H3.1'
2 polymer 'Histone H4'
3 polymer HTA13
4 polymer 'Histone H2B.6'
5 polymer 'DNA (169-MER)'
6 polymer 'DNA (169-MER)'
#
loop_
_entity_poly.entity_id
_entity_poly.type
_entity_poly.pdbx_seq_one_letter_code
_entity_poly.pdbx_strand_id
1 'polypeptide(L)'
;GSHMARTKQTARKSTGGKAPRKQLATKAARKSAPATGGVKKPHRFRPGTVALREIRKYQKSTELLIRKLPFQRLVREIAQ
DFKTDLRFQSSAVAALQEAAEAYLVGLFEDTNLCAIHAKRVTIMPKDIQLARRIRGERA
;
A,E
2 'polypeptide(L)'
;GSHMSGRGKGGKGLGKGGAKRHRKVLRDNIQGITKPAIRRLARRGGVKRISGLIYEETRGVLKIFLENVIRDAVTYTEHA
RRKTVTAMDVVYALKRQGRTLYGFGG
;
B,F
3 'polypeptide(L)'
;GSHMAGRGKTLGSGVAKKSTSRSSKAGLQFPVGRIARFLKNGKYATRVGAGAPVYLAAVLEYLAAEVLELAGNAARDNKK
TRIVPRHIQLAVRNDEELSKLLGDVTIANGGVMPNIHSLLLPKKAGASKPSADED
;
C,G
4 'polypeptide(L)'
;GSHMAPRAEKKPAEKKPAAEKPVEEKSKAEKAPAEKKPKAGKKLPKEAGAGGDKKKKMKKKSVETYKIYIFKVLKQVHPD
IGISSKAMGIMNSFINDIFEKLASESSKLARYNKKPTITSREIQTAVRLVLPGELAKHAVSEGTKAVTKFTSS
;
D,H
5 'polydeoxyribonucleotide'
;(DA)(DT)(DC)(DG)(DG)(DA)(DC)(DC)(DC)(DT)(DA)(DT)(DC)(DG)(DC)(DG)(DA)(DG)(DC)(DC)
(DA)(DG)(DG)(DC)(DC)(DT)(DG)(DA)(DG)(DA)(DA)(DT)(DC)(DC)(DG)(DG)(DT)(DG)(DC)(DC)
(DG)(DA)(DG)(DG)(DC)(DC)(DG)(DC)(DT)(DC)(DA)(DA)(DT)(DT)(DG)(DG)(DT)(DC)(DG)(DT)
(DA)(DG)(DA)(DC)(DA)(DG)(DC)(DT)(DC)(DT)(DA)(DG)(DC)(DA)(DC)(DC)(DG)(DC)(DT)(DT)
(DA)(DA)(DA)(DC)(DG)(DC)(DA)(DC)(DG)(DT)(DA)(DC)(DG)(DC)(DG)(DC)(DT)(DG)(DT)(DC)
(DC)(DC)(DC)(DC)(DG)(DC)(DG)(DT)(DT)(DT)(DT)(DA)(DA)(DC)(DC)(DG)(DC)(DC)(DA)(DA)
(DG)(DG)(DG)(DG)(DA)(DT)(DT)(DA)(DC)(DT)(DC)(DC)(DC)(DT)(DA)(DG)(DT)(DC)(DT)(DC)
(DC)(DA)(DG)(DG)(DC)(DA)(DC)(DG)(DT)(DG)(DT)(DC)(DA)(DG)(DA)(DT)(DA)(DT)(DA)(DT)
(DA)(DC)(DA)(DT)(DC)(DC)(DG)(DA)(DT)
;
I
6 'polydeoxyribonucleotide'
;(DA)(DT)(DC)(DG)(DG)(DA)(DT)(DG)(DT)(DA)(DT)(DA)(DT)(DA)(DT)(DC)(DT)(DG)(DA)(DC)
(DA)(DC)(DG)(DT)(DG)(DC)(DC)(DT)(DG)(DG)(DA)(DG)(DA)(DC)(DT)(DA)(DG)(DG)(DG)(DA)
(DG)(DT)(DA)(DA)(DT)(DC)(DC)(DC)(DC)(DT)(DT)(DG)(DG)(DC)(DG)(DG)(DT)(DT)(DA)(DA)
(DA)(DA)(DC)(DG)(DC)(DG)(DG)(DG)(DG)(DG)(DA)(DC)(DA)(DG)(DC)(DG)(DC)(DG)(DT)(DA)
(DC)(DG)(DT)(DG)(DC)(DG)(DT)(DT)(DT)(DA)(DA)(DG)(DC)(DG)(DG)(DT)(DG)(DC)(DT)(DA)
(DG)(DA)(DG)(DC)(DT)(DG)(DT)(DC)(DT)(DA)(DC)(DG)(DA)(DC)(DC)(DA)(DA)(DT)(DT)(DG)
(DA)(DG)(DC)(DG)(DG)(DC)(DC)(DT)(DC)(DG)(DG)(DC)(DA)(DC)(DC)(DG)(DG)(DA)(DT)(DT)
(DC)(DT)(DC)(DA)(DG)(DG)(DC)(DC)(DT)(DG)(DG)(DC)(DT)(DC)(DG)(DC)(DG)(DA)(DT)(DA)
(DG)(DG)(DG)(DT)(DC)(DC)(DG)(DA)(DT)
;
J
#
loop_
_chem_comp.id
_chem_comp.type
_chem_comp.name
_chem_comp.formula
DA DNA linking 2'-DEOXYADENOSINE-5'-MONOPHOSPHATE 'C10 H14 N5 O6 P'
DC DNA linking 2'-DEOXYCYTIDINE-5'-MONOPHOSPHATE 'C9 H14 N3 O7 P'
DG DNA linking 2'-DEOXYGUANOSINE-5'-MONOPHOSPHATE 'C10 H14 N5 O7 P'
DT DNA linking THYMIDINE-5'-MONOPHOSPHATE 'C10 H15 N2 O8 P'
#
# COMPACT_ATOMS: atom_id res chain seq x y z
N LEU A 65 13.93 -10.06 -23.45
CA LEU A 65 14.35 -11.31 -22.82
C LEU A 65 13.33 -12.41 -23.06
N ILE A 66 12.06 -12.05 -23.00
CA ILE A 66 10.96 -12.94 -23.33
C ILE A 66 10.49 -12.62 -24.74
N ARG A 67 10.27 -13.67 -25.54
CA ARG A 67 9.75 -13.47 -26.88
C ARG A 67 8.35 -12.86 -26.81
N LYS A 68 8.07 -11.92 -27.71
CA LYS A 68 6.83 -11.14 -27.61
C LYS A 68 5.60 -12.00 -27.85
N LEU A 69 5.63 -12.84 -28.87
CA LEU A 69 4.43 -13.56 -29.31
C LEU A 69 4.04 -14.67 -28.33
N PRO A 70 4.97 -15.50 -27.84
CA PRO A 70 4.60 -16.45 -26.78
C PRO A 70 4.04 -15.77 -25.54
N PHE A 71 4.59 -14.62 -25.15
CA PHE A 71 4.06 -13.92 -23.99
C PHE A 71 2.65 -13.43 -24.27
N GLN A 72 2.39 -12.94 -25.49
CA GLN A 72 1.04 -12.52 -25.85
C GLN A 72 0.07 -13.68 -25.75
N ARG A 73 0.46 -14.85 -26.26
CA ARG A 73 -0.41 -16.01 -26.19
C ARG A 73 -0.68 -16.43 -24.75
N LEU A 74 0.35 -16.40 -23.90
CA LEU A 74 0.17 -16.77 -22.49
C LEU A 74 -0.77 -15.80 -21.79
N VAL A 75 -0.62 -14.50 -22.06
CA VAL A 75 -1.48 -13.50 -21.43
C VAL A 75 -2.92 -13.70 -21.87
N ARG A 76 -3.15 -13.98 -23.16
CA ARG A 76 -4.50 -14.20 -23.63
C ARG A 76 -5.10 -15.46 -23.00
N GLU A 77 -4.30 -16.51 -22.87
CA GLU A 77 -4.77 -17.74 -22.22
C GLU A 77 -5.20 -17.48 -20.78
N ILE A 78 -4.39 -16.72 -20.04
CA ILE A 78 -4.74 -16.43 -18.65
C ILE A 78 -5.99 -15.55 -18.58
N ALA A 79 -6.10 -14.58 -19.49
CA ALA A 79 -7.25 -13.69 -19.48
C ALA A 79 -8.52 -14.41 -19.85
N GLN A 80 -8.41 -15.52 -20.59
CA GLN A 80 -9.60 -16.27 -20.99
C GLN A 80 -10.37 -16.79 -19.79
N ASP A 81 -9.66 -17.17 -18.72
CA ASP A 81 -10.34 -17.73 -17.55
C ASP A 81 -11.10 -16.67 -16.76
N PHE A 82 -10.85 -15.40 -17.00
CA PHE A 82 -11.48 -14.32 -16.25
C PHE A 82 -12.63 -13.66 -17.00
N LYS A 83 -12.48 -13.45 -18.30
CA LYS A 83 -13.57 -12.94 -19.13
C LYS A 83 -13.36 -13.43 -20.55
N THR A 84 -14.36 -14.13 -21.09
CA THR A 84 -14.24 -14.68 -22.43
C THR A 84 -14.49 -13.60 -23.48
N ASP A 85 -14.01 -13.87 -24.70
CA ASP A 85 -14.15 -12.97 -25.83
C ASP A 85 -13.57 -11.59 -25.52
N LEU A 86 -12.29 -11.59 -25.15
CA LEU A 86 -11.60 -10.40 -24.71
C LEU A 86 -10.52 -10.01 -25.72
N ARG A 87 -10.34 -8.70 -25.89
CA ARG A 87 -9.39 -8.16 -26.84
C ARG A 87 -8.37 -7.32 -26.09
N PHE A 88 -7.19 -7.15 -26.69
CA PHE A 88 -6.09 -6.47 -26.04
C PHE A 88 -5.55 -5.38 -26.95
N GLN A 89 -4.94 -4.38 -26.32
CA GLN A 89 -4.14 -3.39 -27.03
C GLN A 89 -2.67 -3.81 -26.96
N SER A 90 -1.91 -3.40 -27.97
CA SER A 90 -0.48 -3.74 -28.00
C SER A 90 0.25 -3.12 -26.83
N SER A 91 -0.11 -1.89 -26.47
CA SER A 91 0.52 -1.23 -25.32
C SER A 91 0.28 -2.02 -24.04
N ALA A 92 -0.90 -2.65 -23.91
CA ALA A 92 -1.18 -3.45 -22.73
C ALA A 92 -0.24 -4.64 -22.61
N VAL A 93 -0.03 -5.34 -23.72
CA VAL A 93 0.87 -6.50 -23.70
C VAL A 93 2.30 -6.05 -23.43
N ALA A 94 2.71 -4.93 -24.02
CA ALA A 94 4.06 -4.43 -23.75
C ALA A 94 4.25 -4.08 -22.28
N ALA A 95 3.25 -3.43 -21.68
CA ALA A 95 3.32 -3.08 -20.26
C ALA A 95 3.41 -4.33 -19.40
N LEU A 96 2.59 -5.34 -19.71
CA LEU A 96 2.63 -6.59 -18.95
C LEU A 96 3.98 -7.25 -19.08
N GLN A 97 4.56 -7.25 -20.28
CA GLN A 97 5.87 -7.86 -20.46
C GLN A 97 6.94 -7.14 -19.66
N GLU A 98 6.93 -5.82 -19.68
CA GLU A 98 7.91 -5.05 -18.90
C GLU A 98 7.78 -5.36 -17.41
N ALA A 99 6.55 -5.33 -16.90
CA ALA A 99 6.34 -5.59 -15.47
C ALA A 99 6.76 -7.00 -15.10
N ALA A 100 6.43 -7.98 -15.94
CA ALA A 100 6.78 -9.36 -15.63
C ALA A 100 8.28 -9.57 -15.62
N GLU A 101 8.99 -9.00 -16.60
CA GLU A 101 10.44 -9.13 -16.61
C GLU A 101 11.07 -8.48 -15.39
N ALA A 102 10.59 -7.30 -15.01
CA ALA A 102 11.13 -6.64 -13.82
C ALA A 102 10.88 -7.47 -12.57
N TYR A 103 9.68 -8.04 -12.44
CA TYR A 103 9.36 -8.85 -11.28
C TYR A 103 10.27 -10.07 -11.21
N LEU A 104 10.49 -10.74 -12.34
CA LEU A 104 11.33 -11.93 -12.34
C LEU A 104 12.79 -11.58 -12.03
N VAL A 105 13.29 -10.45 -12.54
CA VAL A 105 14.66 -10.06 -12.24
C VAL A 105 14.84 -9.78 -10.76
N GLY A 106 13.88 -9.07 -10.15
CA GLY A 106 13.95 -8.85 -8.72
C GLY A 106 13.89 -10.13 -7.92
N LEU A 107 13.01 -11.04 -8.31
CA LEU A 107 12.93 -12.33 -7.64
C LEU A 107 14.25 -13.08 -7.73
N PHE A 108 14.90 -13.02 -8.89
CA PHE A 108 16.17 -13.72 -9.04
C PHE A 108 17.27 -13.06 -8.22
N GLU A 109 17.23 -11.74 -8.05
CA GLU A 109 18.19 -11.10 -7.15
C GLU A 109 18.03 -11.60 -5.72
N ASP A 110 16.79 -11.64 -5.23
CA ASP A 110 16.57 -12.14 -3.87
C ASP A 110 16.93 -13.62 -3.76
N THR A 111 16.64 -14.40 -4.80
CA THR A 111 17.02 -15.81 -4.83
C THR A 111 18.53 -15.97 -4.75
N ASN A 112 19.27 -15.11 -5.45
CA ASN A 112 20.73 -15.17 -5.40
C ASN A 112 21.23 -14.83 -4.00
N LEU A 113 20.60 -13.87 -3.33
CA LEU A 113 20.97 -13.60 -1.94
C LEU A 113 20.74 -14.83 -1.06
N CYS A 114 19.60 -15.49 -1.23
CA CYS A 114 19.32 -16.69 -0.44
C CYS A 114 20.33 -17.79 -0.73
N ALA A 115 20.71 -17.96 -1.99
CA ALA A 115 21.71 -18.96 -2.35
C ALA A 115 23.06 -18.63 -1.76
N ILE A 116 23.45 -17.35 -1.78
CA ILE A 116 24.72 -16.95 -1.18
C ILE A 116 24.70 -17.20 0.32
N HIS A 117 23.54 -17.04 0.95
CA HIS A 117 23.43 -17.28 2.38
C HIS A 117 23.80 -18.72 2.74
N ALA A 118 23.40 -19.68 1.91
CA ALA A 118 23.61 -21.09 2.20
C ALA A 118 24.93 -21.62 1.67
N LYS A 119 25.90 -20.74 1.41
CA LYS A 119 27.27 -21.08 1.05
C LYS A 119 27.40 -21.73 -0.33
N ARG A 120 26.36 -21.70 -1.15
CA ARG A 120 26.45 -22.25 -2.49
C ARG A 120 26.28 -21.15 -3.54
N VAL A 121 26.32 -21.55 -4.81
CA VAL A 121 26.32 -20.63 -5.95
C VAL A 121 25.14 -20.94 -6.85
N THR A 122 24.70 -22.19 -6.86
CA THR A 122 23.59 -22.63 -7.70
C THR A 122 22.28 -22.35 -6.98
N ILE A 123 21.40 -21.60 -7.64
CA ILE A 123 20.10 -21.31 -7.05
C ILE A 123 19.18 -22.49 -7.29
N MET A 124 18.35 -22.79 -6.29
CA MET A 124 17.49 -23.96 -6.27
C MET A 124 16.09 -23.53 -5.88
N PRO A 125 15.08 -24.35 -6.18
CA PRO A 125 13.69 -23.91 -5.93
C PRO A 125 13.41 -23.51 -4.50
N LYS A 126 14.12 -24.10 -3.53
CA LYS A 126 13.90 -23.72 -2.14
C LYS A 126 14.26 -22.27 -1.89
N ASP A 127 15.24 -21.75 -2.64
CA ASP A 127 15.58 -20.34 -2.53
C ASP A 127 14.42 -19.46 -2.96
N ILE A 128 13.79 -19.80 -4.10
CA ILE A 128 12.62 -19.06 -4.55
C ILE A 128 11.50 -19.14 -3.52
N GLN A 129 11.29 -20.34 -2.97
CA GLN A 129 10.22 -20.51 -2.00
C GLN A 129 10.46 -19.66 -0.76
N LEU A 130 11.69 -19.61 -0.27
CA LEU A 130 12.00 -18.80 0.90
C LEU A 130 11.87 -17.31 0.61
N ALA A 131 12.35 -16.88 -0.56
CA ALA A 131 12.24 -15.47 -0.92
C ALA A 131 10.78 -15.03 -1.02
N ARG A 132 9.93 -15.88 -1.61
CA ARG A 132 8.52 -15.53 -1.71
C ARG A 132 7.80 -15.64 -0.37
N ARG A 133 8.27 -16.52 0.52
CA ARG A 133 7.72 -16.56 1.87
C ARG A 133 8.01 -15.27 2.61
N ILE A 134 9.25 -14.81 2.58
CA ILE A 134 9.62 -13.59 3.29
C ILE A 134 8.97 -12.38 2.65
N ARG A 135 8.85 -12.38 1.32
CA ARG A 135 8.20 -11.27 0.62
C ARG A 135 6.72 -11.18 0.96
N GLY A 136 6.10 -12.29 1.33
CA GLY A 136 4.68 -12.32 1.62
C GLY A 136 3.81 -12.76 0.46
N GLU A 137 4.40 -13.24 -0.62
CA GLU A 137 3.65 -13.68 -1.78
C GLU A 137 3.18 -15.12 -1.59
N ARG A 138 1.99 -15.41 -2.10
CA ARG A 138 1.40 -16.74 -1.97
C ARG A 138 0.93 -17.27 -3.31
N LYS B 24 -10.81 -22.61 -31.03
CA LYS B 24 -9.39 -22.28 -31.01
C LYS B 24 -8.89 -22.26 -29.56
N VAL B 25 -8.86 -23.43 -28.94
CA VAL B 25 -8.45 -23.55 -27.54
C VAL B 25 -6.94 -23.36 -27.44
N LEU B 26 -6.51 -22.61 -26.42
CA LEU B 26 -5.10 -22.39 -26.14
C LEU B 26 -4.69 -23.24 -24.94
N ARG B 27 -3.60 -23.98 -25.10
CA ARG B 27 -3.12 -24.85 -24.03
C ARG B 27 -1.61 -25.04 -24.19
N ASP B 28 -0.94 -25.28 -23.07
CA ASP B 28 0.50 -25.53 -23.04
C ASP B 28 1.29 -24.34 -23.59
N ASN B 29 0.78 -23.13 -23.39
CA ASN B 29 1.50 -21.93 -23.78
C ASN B 29 2.49 -21.46 -22.73
N ILE B 30 2.44 -22.04 -21.52
CA ILE B 30 3.38 -21.67 -20.47
C ILE B 30 4.80 -22.09 -20.84
N GLN B 31 4.96 -23.03 -21.76
CA GLN B 31 6.27 -23.41 -22.27
C GLN B 31 6.80 -22.44 -23.30
N GLY B 32 6.05 -21.38 -23.63
CA GLY B 32 6.62 -20.31 -24.41
C GLY B 32 7.67 -19.51 -23.68
N ILE B 33 7.71 -19.62 -22.35
CA ILE B 33 8.79 -19.04 -21.55
C ILE B 33 9.90 -20.09 -21.53
N THR B 34 10.71 -20.08 -22.59
CA THR B 34 11.69 -21.13 -22.80
C THR B 34 12.79 -21.07 -21.75
N LYS B 35 13.58 -22.13 -21.71
CA LYS B 35 14.71 -22.20 -20.77
C LYS B 35 15.71 -21.07 -20.98
N PRO B 36 16.15 -20.74 -22.19
CA PRO B 36 17.05 -19.58 -22.34
C PRO B 36 16.46 -18.27 -21.86
N ALA B 37 15.15 -18.07 -21.95
CA ALA B 37 14.57 -16.83 -21.47
C ALA B 37 14.73 -16.69 -19.95
N ILE B 38 14.36 -17.75 -19.21
CA ILE B 38 14.52 -17.74 -17.77
C ILE B 38 15.99 -17.60 -17.41
N ARG B 39 16.86 -18.25 -18.19
CA ARG B 39 18.29 -18.22 -17.90
C ARG B 39 18.85 -16.82 -18.10
N ARG B 40 18.42 -16.11 -19.16
CA ARG B 40 18.85 -14.73 -19.36
C ARG B 40 18.30 -13.81 -18.27
N LEU B 41 17.05 -14.02 -17.85
CA LEU B 41 16.51 -13.22 -16.76
C LEU B 41 17.33 -13.41 -15.49
N ALA B 42 17.71 -14.64 -15.19
CA ALA B 42 18.53 -14.91 -14.01
C ALA B 42 19.92 -14.29 -14.15
N ARG B 43 20.51 -14.35 -15.35
CA ARG B 43 21.80 -13.71 -15.55
C ARG B 43 21.74 -12.21 -15.31
N ARG B 44 20.66 -11.55 -15.78
CA ARG B 44 20.53 -10.13 -15.53
C ARG B 44 20.36 -9.84 -14.04
N GLY B 45 19.79 -10.78 -13.31
CA GLY B 45 19.65 -10.66 -11.87
C GLY B 45 20.88 -11.04 -11.07
N GLY B 46 21.94 -11.50 -11.73
CA GLY B 46 23.18 -11.82 -11.07
C GLY B 46 23.43 -13.29 -10.81
N VAL B 47 22.52 -14.16 -11.20
CA VAL B 47 22.67 -15.59 -10.93
C VAL B 47 23.74 -16.18 -11.83
N LYS B 48 24.65 -16.94 -11.24
CA LYS B 48 25.76 -17.56 -11.97
C LYS B 48 25.48 -19.00 -12.35
N ARG B 49 24.81 -19.76 -11.48
CA ARG B 49 24.50 -21.16 -11.74
C ARG B 49 23.01 -21.37 -11.51
N ILE B 50 22.37 -22.13 -12.40
CA ILE B 50 20.94 -22.38 -12.34
C ILE B 50 20.72 -23.89 -12.32
N SER B 51 19.98 -24.37 -11.32
CA SER B 51 19.61 -25.77 -11.28
C SER B 51 18.48 -26.04 -12.27
N GLY B 52 18.36 -27.30 -12.67
CA GLY B 52 17.37 -27.66 -13.67
C GLY B 52 15.94 -27.58 -13.20
N LEU B 53 15.72 -27.44 -11.90
CA LEU B 53 14.40 -27.37 -11.32
C LEU B 53 13.89 -25.94 -11.16
N ILE B 54 14.71 -24.94 -11.47
CA ILE B 54 14.27 -23.54 -11.35
C ILE B 54 13.19 -23.22 -12.37
N TYR B 55 13.23 -23.86 -13.54
CA TYR B 55 12.39 -23.43 -14.64
C TYR B 55 10.90 -23.60 -14.33
N GLU B 56 10.50 -24.77 -13.84
CA GLU B 56 9.09 -24.99 -13.53
C GLU B 56 8.62 -24.04 -12.45
N GLU B 57 9.46 -23.78 -11.45
CA GLU B 57 9.11 -22.82 -10.41
C GLU B 57 8.92 -21.43 -10.99
N THR B 58 9.78 -21.04 -11.92
CA THR B 58 9.64 -19.72 -12.56
C THR B 58 8.34 -19.62 -13.34
N ARG B 59 7.99 -20.69 -14.09
CA ARG B 59 6.69 -20.70 -14.75
C ARG B 59 5.55 -20.49 -13.76
N GLY B 60 5.58 -21.22 -12.64
CA GLY B 60 4.50 -21.08 -11.66
C GLY B 60 4.40 -19.67 -11.08
N VAL B 61 5.55 -19.10 -10.72
CA VAL B 61 5.58 -17.76 -10.12
C VAL B 61 5.06 -16.72 -11.11
N LEU B 62 5.55 -16.80 -12.35
CA LEU B 62 5.10 -15.87 -13.39
C LEU B 62 3.60 -16.01 -13.62
N LYS B 63 3.08 -17.23 -13.60
CA LYS B 63 1.66 -17.43 -13.80
C LYS B 63 0.84 -16.79 -12.69
N ILE B 64 1.28 -16.91 -11.44
CA ILE B 64 0.55 -16.29 -10.33
C ILE B 64 0.56 -14.77 -10.47
N PHE B 65 1.74 -14.20 -10.79
CA PHE B 65 1.84 -12.75 -10.96
C PHE B 65 0.92 -12.26 -12.07
N LEU B 66 0.95 -12.93 -13.22
CA LEU B 66 0.11 -12.55 -14.34
C LEU B 66 -1.36 -12.71 -14.00
N GLU B 67 -1.72 -13.73 -13.24
CA GLU B 67 -3.11 -13.94 -12.87
C GLU B 67 -3.62 -12.77 -12.04
N ASN B 68 -2.85 -12.35 -11.05
CA ASN B 68 -3.26 -11.19 -10.24
C ASN B 68 -3.42 -9.94 -11.09
N VAL B 69 -2.41 -9.64 -11.90
CA VAL B 69 -2.44 -8.39 -12.67
C VAL B 69 -3.58 -8.41 -13.68
N ILE B 70 -3.78 -9.54 -14.36
CA ILE B 70 -4.82 -9.64 -15.38
C ILE B 70 -6.20 -9.60 -14.74
N ARG B 71 -6.35 -10.19 -13.54
CA ARG B 71 -7.63 -10.11 -12.86
C ARG B 71 -8.00 -8.66 -12.56
N ASP B 72 -7.05 -7.89 -12.01
CA ASP B 72 -7.35 -6.49 -11.73
C ASP B 72 -7.60 -5.70 -13.02
N ALA B 73 -6.83 -5.97 -14.07
CA ALA B 73 -7.00 -5.24 -15.32
C ALA B 73 -8.35 -5.53 -15.95
N VAL B 74 -8.80 -6.78 -15.92
CA VAL B 74 -10.11 -7.13 -16.45
C VAL B 74 -11.21 -6.50 -15.61
N THR B 75 -11.02 -6.41 -14.29
CA THR B 75 -12.00 -5.70 -13.47
C THR B 75 -12.13 -4.25 -13.92
N TYR B 76 -10.99 -3.59 -14.14
CA TYR B 76 -11.04 -2.21 -14.61
C TYR B 76 -11.69 -2.11 -15.98
N THR B 77 -11.37 -3.04 -16.89
CA THR B 77 -11.95 -3.00 -18.22
C THR B 77 -13.47 -3.18 -18.18
N GLU B 78 -13.95 -4.13 -17.38
CA GLU B 78 -15.38 -4.38 -17.29
C GLU B 78 -16.11 -3.29 -16.53
N HIS B 79 -15.40 -2.51 -15.70
CA HIS B 79 -16.01 -1.34 -15.10
C HIS B 79 -16.42 -0.31 -16.15
N ALA B 80 -15.56 -0.09 -17.14
CA ALA B 80 -15.77 0.95 -18.13
C ALA B 80 -16.63 0.51 -19.31
N ARG B 81 -17.18 -0.71 -19.26
CA ARG B 81 -18.03 -1.24 -20.33
C ARG B 81 -17.25 -1.32 -21.65
N ARG B 82 -16.17 -2.09 -21.60
CA ARG B 82 -15.30 -2.29 -22.75
C ARG B 82 -14.99 -3.76 -22.91
N LYS B 83 -14.64 -4.13 -24.14
CA LYS B 83 -14.18 -5.48 -24.45
C LYS B 83 -12.71 -5.52 -24.83
N THR B 84 -11.99 -4.42 -24.62
CA THR B 84 -10.55 -4.36 -24.89
C THR B 84 -9.83 -3.90 -23.63
N VAL B 85 -8.78 -4.62 -23.27
CA VAL B 85 -7.94 -4.22 -22.15
C VAL B 85 -6.92 -3.21 -22.65
N THR B 86 -6.88 -2.04 -22.01
CA THR B 86 -6.04 -0.94 -22.43
C THR B 86 -4.84 -0.80 -21.49
N ALA B 87 -3.92 0.09 -21.88
CA ALA B 87 -2.69 0.26 -21.11
C ALA B 87 -2.96 0.83 -19.73
N MET B 88 -3.93 1.74 -19.62
CA MET B 88 -4.24 2.33 -18.33
C MET B 88 -4.76 1.29 -17.35
N ASP B 89 -5.51 0.30 -17.84
CA ASP B 89 -6.00 -0.76 -16.98
C ASP B 89 -4.85 -1.53 -16.36
N VAL B 90 -3.86 -1.91 -17.18
CA VAL B 90 -2.70 -2.63 -16.67
C VAL B 90 -1.88 -1.77 -15.75
N VAL B 91 -1.76 -0.48 -16.07
CA VAL B 91 -0.98 0.43 -15.23
C VAL B 91 -1.63 0.55 -13.85
N TYR B 92 -2.96 0.71 -13.81
CA TYR B 92 -3.66 0.79 -12.53
C TYR B 92 -3.59 -0.53 -11.77
N ALA B 93 -3.69 -1.66 -12.47
CA ALA B 93 -3.57 -2.95 -11.82
C ALA B 93 -2.21 -3.12 -11.17
N LEU B 94 -1.15 -2.73 -11.87
CA LEU B 94 0.19 -2.81 -11.30
C LEU B 94 0.36 -1.83 -10.15
N LYS B 95 -0.26 -0.64 -10.26
CA LYS B 95 -0.15 0.35 -9.19
C LYS B 95 -0.84 -0.12 -7.93
N ARG B 96 -1.88 -0.93 -8.07
CA ARG B 96 -2.49 -1.54 -6.89
C ARG B 96 -1.50 -2.45 -6.17
N GLN B 97 -0.55 -3.02 -6.91
CA GLN B 97 0.44 -3.94 -6.38
C GLN B 97 1.71 -3.24 -5.93
N GLY B 98 1.75 -1.91 -5.95
CA GLY B 98 2.97 -1.19 -5.63
C GLY B 98 4.08 -1.39 -6.65
N ARG B 99 3.75 -1.36 -7.93
CA ARG B 99 4.70 -1.64 -9.00
C ARG B 99 4.56 -0.57 -10.08
N THR B 100 4.63 0.69 -9.67
CA THR B 100 4.40 1.84 -10.54
C THR B 100 5.16 1.69 -11.86
N LEU B 101 4.45 1.99 -12.96
CA LEU B 101 4.97 1.83 -14.31
C LEU B 101 4.83 3.16 -15.03
N TYR B 102 5.92 3.62 -15.64
CA TYR B 102 5.94 4.90 -16.34
C TYR B 102 6.27 4.69 -17.81
N GLY B 103 5.74 5.58 -18.65
CA GLY B 103 6.03 5.57 -20.07
C GLY B 103 4.94 5.01 -20.95
N PHE B 104 3.93 4.34 -20.38
CA PHE B 104 2.82 3.82 -21.15
C PHE B 104 1.55 4.65 -20.99
N GLY B 105 1.69 5.91 -20.62
CA GLY B 105 0.56 6.81 -20.47
C GLY B 105 0.36 7.24 -19.02
N GLY B 106 -0.62 8.10 -18.85
CA GLY B 106 -0.96 8.62 -17.54
C GLY B 106 -1.77 9.90 -17.59
N THR C 20 -42.32 0.25 6.56
CA THR C 20 -41.26 -0.74 6.45
C THR C 20 -39.89 -0.08 6.43
N SER C 21 -38.85 -0.88 6.18
CA SER C 21 -37.48 -0.41 6.20
C SER C 21 -36.78 -0.83 4.92
N ARG C 22 -35.64 -0.20 4.66
CA ARG C 22 -34.84 -0.49 3.48
C ARG C 22 -33.98 -1.73 3.64
N SER C 23 -33.82 -2.22 4.87
CA SER C 23 -33.12 -3.48 5.11
C SER C 23 -34.04 -4.68 5.00
N SER C 24 -35.33 -4.51 5.27
CA SER C 24 -36.28 -5.59 5.09
C SER C 24 -36.58 -5.83 3.62
N LYS C 25 -36.55 -4.77 2.81
CA LYS C 25 -36.72 -4.96 1.36
C LYS C 25 -35.61 -5.82 0.78
N ALA C 26 -34.38 -5.60 1.22
CA ALA C 26 -33.24 -6.37 0.74
C ALA C 26 -33.03 -7.65 1.53
N GLY C 27 -33.78 -7.88 2.60
CA GLY C 27 -33.57 -9.06 3.42
C GLY C 27 -32.24 -9.09 4.13
N LEU C 28 -31.77 -7.94 4.60
CA LEU C 28 -30.47 -7.82 5.23
C LEU C 28 -30.63 -7.44 6.70
N GLN C 29 -29.64 -7.82 7.49
CA GLN C 29 -29.63 -7.52 8.91
C GLN C 29 -28.82 -6.29 9.26
N PHE C 30 -28.29 -5.59 8.27
CA PHE C 30 -27.45 -4.43 8.47
C PHE C 30 -28.17 -3.16 8.04
N PRO C 31 -27.84 -2.01 8.65
CA PRO C 31 -28.61 -0.79 8.38
C PRO C 31 -28.30 -0.16 7.03
N VAL C 32 -29.28 -0.17 6.13
CA VAL C 32 -29.09 0.46 4.83
C VAL C 32 -29.06 1.97 4.97
N GLY C 33 -29.95 2.53 5.81
CA GLY C 33 -30.01 3.98 5.93
C GLY C 33 -28.78 4.57 6.60
N ARG C 34 -28.28 3.89 7.64
CA ARG C 34 -27.09 4.38 8.32
C ARG C 34 -25.88 4.35 7.40
N ILE C 35 -25.74 3.27 6.62
CA ILE C 35 -24.67 3.20 5.64
C ILE C 35 -24.87 4.27 4.57
N ALA C 36 -26.12 4.56 4.20
CA ALA C 36 -26.41 5.58 3.22
C ALA C 36 -25.92 6.94 3.69
N ARG C 37 -26.23 7.31 4.94
CA ARG C 37 -25.73 8.60 5.40
C ARG C 37 -24.23 8.59 5.67
N PHE C 38 -23.67 7.47 6.09
CA PHE C 38 -22.22 7.40 6.24
C PHE C 38 -21.51 7.55 4.91
N LEU C 39 -22.16 7.17 3.83
CA LEU C 39 -21.62 7.30 2.48
C LEU C 39 -22.05 8.60 1.82
N LYS C 40 -22.94 9.37 2.45
CA LYS C 40 -23.26 10.74 2.06
C LYS C 40 -22.48 11.79 2.84
N ASN C 41 -22.59 11.78 4.17
CA ASN C 41 -21.97 12.85 4.97
C ASN C 41 -20.46 12.77 4.96
N GLY C 42 -19.88 11.66 4.51
CA GLY C 42 -18.45 11.54 4.40
C GLY C 42 -17.85 12.20 3.19
N LYS C 43 -18.67 12.86 2.37
CA LYS C 43 -18.23 13.56 1.18
C LYS C 43 -17.43 12.64 0.26
N TYR C 44 -18.00 11.46 0.01
CA TYR C 44 -17.40 10.50 -0.90
C TYR C 44 -17.70 10.85 -2.35
N ALA C 45 -18.94 11.23 -2.64
CA ALA C 45 -19.30 11.78 -3.94
C ALA C 45 -20.54 12.64 -3.75
N THR C 46 -20.82 13.46 -4.77
CA THR C 46 -21.94 14.39 -4.67
C THR C 46 -23.27 13.65 -4.56
N ARG C 47 -23.43 12.56 -5.29
CA ARG C 47 -24.70 11.86 -5.41
C ARG C 47 -24.46 10.39 -5.13
N VAL C 48 -25.25 9.79 -4.24
CA VAL C 48 -25.18 8.36 -4.01
C VAL C 48 -26.41 7.69 -4.60
N GLY C 49 -26.20 6.54 -5.24
CA GLY C 49 -27.29 5.82 -5.87
C GLY C 49 -28.16 5.10 -4.86
N ALA C 50 -29.30 4.61 -5.34
CA ALA C 50 -30.22 3.90 -4.49
C ALA C 50 -29.78 2.47 -4.21
N GLY C 51 -28.97 1.88 -5.10
CA GLY C 51 -28.52 0.53 -4.94
C GLY C 51 -27.14 0.37 -4.34
N ALA C 52 -26.46 1.46 -4.02
CA ALA C 52 -25.14 1.38 -3.40
C ALA C 52 -25.23 1.03 -1.92
N PRO C 53 -26.12 1.67 -1.13
CA PRO C 53 -26.23 1.27 0.28
C PRO C 53 -26.76 -0.14 0.49
N VAL C 54 -27.42 -0.74 -0.49
CA VAL C 54 -27.95 -2.09 -0.37
C VAL C 54 -26.95 -3.05 -0.99
N TYR C 55 -25.73 -2.59 -1.18
CA TYR C 55 -24.67 -3.43 -1.72
C TYR C 55 -23.50 -3.44 -0.75
N LEU C 56 -23.27 -2.33 -0.05
CA LEU C 56 -22.35 -2.36 1.08
C LEU C 56 -22.93 -3.16 2.23
N ALA C 57 -24.22 -2.99 2.51
CA ALA C 57 -24.83 -3.71 3.62
C ALA C 57 -24.83 -5.21 3.39
N ALA C 58 -24.96 -5.63 2.13
CA ALA C 58 -24.93 -7.05 1.80
C ALA C 58 -23.52 -7.61 1.68
N VAL C 59 -22.51 -6.75 1.69
CA VAL C 59 -21.12 -7.20 1.61
C VAL C 59 -20.51 -7.09 3.00
N LEU C 60 -20.96 -6.10 3.78
CA LEU C 60 -20.52 -5.95 5.16
C LEU C 60 -21.21 -6.92 6.10
N GLU C 61 -22.12 -7.74 5.57
CA GLU C 61 -22.76 -8.80 6.36
C GLU C 61 -22.23 -10.18 6.01
N TYR C 62 -21.85 -10.43 4.76
CA TYR C 62 -21.19 -11.68 4.42
C TYR C 62 -19.83 -11.79 5.09
N LEU C 63 -19.09 -10.68 5.11
CA LEU C 63 -17.77 -10.70 5.75
C LEU C 63 -17.88 -10.91 7.25
N ALA C 64 -18.83 -10.22 7.90
CA ALA C 64 -19.05 -10.44 9.32
C ALA C 64 -19.48 -11.88 9.58
N ALA C 65 -20.33 -12.43 8.72
CA ALA C 65 -20.76 -13.82 8.87
C ALA C 65 -19.58 -14.77 8.78
N GLU C 66 -18.69 -14.55 7.81
CA GLU C 66 -17.53 -15.43 7.65
C GLU C 66 -16.59 -15.35 8.84
N VAL C 67 -16.26 -14.13 9.27
CA VAL C 67 -15.35 -13.95 10.38
C VAL C 67 -15.94 -14.54 11.65
N LEU C 68 -17.25 -14.32 11.88
CA LEU C 68 -17.88 -14.85 13.08
C LEU C 68 -17.98 -16.37 13.04
N GLU C 69 -18.22 -16.95 11.87
CA GLU C 69 -18.23 -18.40 11.75
C GLU C 69 -16.87 -18.99 12.09
N LEU C 70 -15.80 -18.39 11.56
CA LEU C 70 -14.46 -18.91 11.86
C LEU C 70 -14.11 -18.71 13.33
N ALA C 71 -14.49 -17.56 13.91
CA ALA C 71 -14.23 -17.32 15.32
C ALA C 71 -14.99 -18.30 16.21
N GLY C 72 -16.24 -18.61 15.85
CA GLY C 72 -16.99 -19.59 16.61
C GLY C 72 -16.42 -20.98 16.48
N ASN C 73 -15.92 -21.33 15.30
CA ASN C 73 -15.23 -22.60 15.14
C ASN C 73 -14.00 -22.67 16.04
N ALA C 74 -13.23 -21.59 16.09
CA ALA C 74 -12.07 -21.55 16.98
C ALA C 74 -12.49 -21.66 18.44
N ALA C 75 -13.59 -21.01 18.82
CA ALA C 75 -14.08 -21.10 20.19
C ALA C 75 -14.51 -22.52 20.53
N ARG C 76 -15.16 -23.21 19.60
CA ARG C 76 -15.52 -24.60 19.81
C ARG C 76 -14.28 -25.47 19.97
N ASP C 77 -13.25 -25.21 19.15
CA ASP C 77 -12.03 -26.01 19.25
C ASP C 77 -11.34 -25.84 20.60
N ASN C 78 -11.54 -24.71 21.27
CA ASN C 78 -10.95 -24.45 22.57
C ASN C 78 -11.91 -24.74 23.72
N LYS C 79 -13.05 -25.37 23.43
CA LYS C 79 -14.04 -25.73 24.44
C LYS C 79 -14.51 -24.51 25.22
N LYS C 80 -15.03 -23.53 24.48
CA LYS C 80 -15.58 -22.31 25.04
C LYS C 80 -16.93 -22.04 24.39
N THR C 81 -17.74 -21.21 25.05
CA THR C 81 -19.01 -20.77 24.50
C THR C 81 -19.00 -19.30 24.09
N ARG C 82 -17.84 -18.65 24.14
CA ARG C 82 -17.75 -17.23 23.85
C ARG C 82 -16.60 -16.97 22.89
N ILE C 83 -16.75 -15.96 22.06
CA ILE C 83 -15.70 -15.52 21.15
C ILE C 83 -14.88 -14.45 21.86
N VAL C 84 -13.58 -14.70 22.02
CA VAL C 84 -12.67 -13.75 22.65
C VAL C 84 -11.72 -13.24 21.58
N PRO C 85 -10.99 -12.14 21.81
CA PRO C 85 -10.05 -11.64 20.81
C PRO C 85 -9.06 -12.67 20.29
N ARG C 86 -8.63 -13.59 21.15
CA ARG C 86 -7.72 -14.63 20.72
C ARG C 86 -8.33 -15.49 19.63
N HIS C 87 -9.62 -15.81 19.76
CA HIS C 87 -10.31 -16.60 18.74
C HIS C 87 -10.36 -15.85 17.42
N ILE C 88 -10.63 -14.55 17.45
CA ILE C 88 -10.65 -13.74 16.23
C ILE C 88 -9.27 -13.72 15.59
N GLN C 89 -8.21 -13.58 16.38
CA GLN C 89 -6.87 -13.60 15.80
C GLN C 89 -6.55 -14.95 15.17
N LEU C 90 -6.95 -16.06 15.81
CA LEU C 90 -6.75 -17.38 15.21
C LEU C 90 -7.53 -17.51 13.91
N ALA C 91 -8.78 -17.03 13.90
CA ALA C 91 -9.59 -17.11 12.69
C ALA C 91 -8.97 -16.31 11.55
N VAL C 92 -8.44 -15.12 11.86
CA VAL C 92 -7.79 -14.32 10.83
C VAL C 92 -6.53 -14.99 10.32
N ARG C 93 -5.73 -15.58 11.22
CA ARG C 93 -4.46 -16.17 10.81
C ARG C 93 -4.63 -17.48 10.04
N ASN C 94 -5.61 -18.30 10.39
CA ASN C 94 -5.76 -19.59 9.70
C ASN C 94 -6.38 -19.40 8.32
N ASP C 95 -7.32 -18.48 8.17
CA ASP C 95 -7.97 -18.27 6.87
C ASP C 95 -6.98 -17.61 5.91
N GLU C 96 -6.75 -18.27 4.77
CA GLU C 96 -5.81 -17.74 3.78
C GLU C 96 -6.30 -16.42 3.21
N GLU C 97 -7.60 -16.32 2.94
CA GLU C 97 -8.15 -15.14 2.28
C GLU C 97 -8.23 -13.95 3.23
N LEU C 98 -8.67 -14.17 4.47
CA LEU C 98 -8.83 -13.06 5.39
C LEU C 98 -7.50 -12.47 5.82
N SER C 99 -6.44 -13.28 5.85
CA SER C 99 -5.12 -12.76 6.19
C SER C 99 -4.59 -11.82 5.12
N LYS C 100 -4.87 -12.11 3.85
CA LYS C 100 -4.41 -11.23 2.77
C LYS C 100 -5.24 -9.96 2.70
N LEU C 101 -6.52 -10.03 3.04
CA LEU C 101 -7.37 -8.84 3.02
C LEU C 101 -6.92 -7.83 4.06
N LEU C 102 -6.60 -8.30 5.27
CA LEU C 102 -6.24 -7.41 6.36
C LEU C 102 -4.74 -7.18 6.48
N GLY C 103 -3.92 -8.00 5.83
CA GLY C 103 -2.48 -7.83 5.90
C GLY C 103 -1.91 -8.36 7.19
N ASP C 104 -1.17 -7.51 7.92
CA ASP C 104 -0.58 -7.87 9.20
C ASP C 104 -1.39 -7.16 10.28
N VAL C 105 -2.35 -7.88 10.85
CA VAL C 105 -3.27 -7.32 11.84
C VAL C 105 -2.90 -7.86 13.20
N THR C 106 -2.63 -6.95 14.14
CA THR C 106 -2.41 -7.28 15.54
C THR C 106 -3.68 -6.93 16.31
N ILE C 107 -4.19 -7.89 17.07
CA ILE C 107 -5.43 -7.73 17.81
C ILE C 107 -5.09 -7.58 19.28
N ALA C 108 -5.60 -6.52 19.90
CA ALA C 108 -5.31 -6.25 21.30
C ALA C 108 -5.78 -7.40 22.19
N ASN C 109 -4.96 -7.74 23.17
CA ASN C 109 -5.21 -8.86 24.09
C ASN C 109 -5.40 -10.16 23.31
N GLY C 110 -4.40 -10.46 22.49
CA GLY C 110 -4.42 -11.64 21.65
C GLY C 110 -3.31 -12.62 21.97
N SER D 62 -24.95 8.31 21.53
CA SER D 62 -23.98 9.29 21.07
C SER D 62 -23.10 8.72 19.96
N VAL D 63 -22.35 7.68 20.30
CA VAL D 63 -21.47 7.03 19.36
C VAL D 63 -22.15 5.88 18.71
N GLU D 64 -22.48 5.98 17.41
CA GLU D 64 -23.14 4.91 16.69
C GLU D 64 -22.16 3.77 16.43
N THR D 65 -22.60 2.55 16.70
CA THR D 65 -21.75 1.37 16.58
C THR D 65 -22.55 0.22 15.97
N TYR D 66 -21.83 -0.70 15.32
CA TYR D 66 -22.41 -1.96 14.85
C TYR D 66 -22.31 -2.95 15.99
N LYS D 67 -23.31 -2.93 16.88
CA LYS D 67 -23.32 -3.87 17.99
C LYS D 67 -24.50 -4.83 17.92
N ILE D 68 -25.70 -4.32 17.63
CA ILE D 68 -26.86 -5.19 17.53
C ILE D 68 -26.78 -6.03 16.26
N TYR D 69 -26.31 -5.43 15.17
CA TYR D 69 -26.28 -6.11 13.88
C TYR D 69 -25.33 -7.30 13.91
N ILE D 70 -24.14 -7.12 14.49
CA ILE D 70 -23.16 -8.20 14.55
C ILE D 70 -23.68 -9.32 15.42
N PHE D 71 -24.37 -8.98 16.51
CA PHE D 71 -25.00 -10.00 17.34
C PHE D 71 -26.07 -10.77 16.57
N LYS D 72 -26.87 -10.07 15.77
CA LYS D 72 -27.90 -10.73 14.98
C LYS D 72 -27.28 -11.69 13.97
N VAL D 73 -26.19 -11.27 13.32
CA VAL D 73 -25.51 -12.16 12.38
C VAL D 73 -24.89 -13.34 13.10
N LEU D 74 -24.35 -13.11 14.31
CA LEU D 74 -23.76 -14.19 15.09
C LEU D 74 -24.80 -15.23 15.47
N LYS D 75 -25.98 -14.79 15.87
CA LYS D 75 -27.06 -15.73 16.16
C LYS D 75 -27.80 -16.15 14.91
N GLN D 76 -27.07 -16.45 13.84
CA GLN D 76 -27.64 -17.05 12.64
C GLN D 76 -26.73 -18.19 12.18
N VAL D 77 -25.42 -17.99 12.35
CA VAL D 77 -24.46 -19.02 11.98
C VAL D 77 -24.15 -19.91 13.17
N HIS D 78 -23.97 -19.32 14.35
CA HIS D 78 -23.73 -20.06 15.59
C HIS D 78 -24.72 -19.59 16.65
N PRO D 79 -25.89 -20.24 16.75
CA PRO D 79 -26.92 -19.78 17.70
C PRO D 79 -26.57 -20.04 19.14
N ASP D 80 -25.52 -20.82 19.43
CA ASP D 80 -25.19 -21.21 20.79
C ASP D 80 -23.94 -20.55 21.33
N ILE D 81 -23.21 -19.80 20.51
CA ILE D 81 -21.98 -19.16 20.96
C ILE D 81 -22.26 -17.67 21.18
N GLY D 82 -21.82 -17.18 22.34
CA GLY D 82 -21.94 -15.78 22.68
C GLY D 82 -20.66 -15.05 22.32
N ILE D 83 -20.63 -13.78 22.67
CA ILE D 83 -19.54 -12.90 22.27
C ILE D 83 -19.32 -11.82 23.31
N SER D 84 -18.05 -11.45 23.49
CA SER D 84 -17.62 -10.51 24.52
C SER D 84 -17.60 -9.08 23.98
N SER D 85 -17.49 -8.13 24.90
CA SER D 85 -17.50 -6.72 24.53
C SER D 85 -16.25 -6.34 23.72
N LYS D 86 -15.08 -6.89 24.08
CA LYS D 86 -13.88 -6.62 23.31
C LYS D 86 -13.99 -7.19 21.91
N ALA D 87 -14.69 -8.32 21.77
CA ALA D 87 -14.94 -8.87 20.44
C ALA D 87 -15.88 -7.95 19.64
N MET D 88 -16.87 -7.33 20.30
CA MET D 88 -17.62 -6.23 19.68
C MET D 88 -16.69 -5.12 19.22
N GLY D 89 -15.72 -4.73 20.03
CA GLY D 89 -14.81 -3.69 19.60
C GLY D 89 -14.04 -4.08 18.36
N ILE D 90 -13.53 -5.31 18.33
CA ILE D 90 -12.73 -5.77 17.20
C ILE D 90 -13.59 -5.89 15.94
N MET D 91 -14.79 -6.45 16.06
CA MET D 91 -15.66 -6.57 14.90
C MET D 91 -16.14 -5.22 14.39
N ASN D 92 -16.43 -4.28 15.29
CA ASN D 92 -16.81 -2.95 14.85
C ASN D 92 -15.66 -2.27 14.12
N SER D 93 -14.44 -2.41 14.63
CA SER D 93 -13.28 -1.88 13.93
C SER D 93 -13.09 -2.55 12.57
N PHE D 94 -13.34 -3.85 12.50
CA PHE D 94 -13.20 -4.57 11.23
C PHE D 94 -14.20 -4.08 10.21
N ILE D 95 -15.45 -3.89 10.63
CA ILE D 95 -16.49 -3.41 9.73
C ILE D 95 -16.18 -1.99 9.27
N ASN D 96 -15.69 -1.15 10.17
CA ASN D 96 -15.31 0.21 9.77
C ASN D 96 -14.16 0.19 8.78
N ASP D 97 -13.15 -0.64 9.02
CA ASP D 97 -12.02 -0.69 8.10
C ASP D 97 -12.47 -1.12 6.71
N ILE D 98 -13.31 -2.15 6.64
CA ILE D 98 -13.80 -2.61 5.34
C ILE D 98 -14.68 -1.56 4.68
N PHE D 99 -15.50 -0.87 5.47
CA PHE D 99 -16.39 0.14 4.91
C PHE D 99 -15.61 1.29 4.29
N GLU D 100 -14.65 1.84 5.03
CA GLU D 100 -13.83 2.91 4.45
C GLU D 100 -12.95 2.42 3.30
N LYS D 101 -12.52 1.15 3.31
CA LYS D 101 -11.81 0.66 2.13
C LYS D 101 -12.71 0.69 0.90
N LEU D 102 -13.91 0.10 1.02
CA LEU D 102 -14.82 0.00 -0.12
C LEU D 102 -15.46 1.33 -0.48
N ALA D 103 -15.40 2.32 0.41
CA ALA D 103 -15.87 3.66 0.08
C ALA D 103 -14.79 4.51 -0.56
N SER D 104 -13.54 4.40 -0.08
CA SER D 104 -12.45 5.11 -0.72
C SER D 104 -12.19 4.59 -2.12
N GLU D 105 -12.27 3.27 -2.33
CA GLU D 105 -12.04 2.77 -3.67
C GLU D 105 -13.25 2.92 -4.58
N SER D 106 -14.40 3.27 -4.03
CA SER D 106 -15.55 3.61 -4.86
C SER D 106 -15.59 5.09 -5.19
N SER D 107 -15.01 5.95 -4.34
CA SER D 107 -14.89 7.36 -4.66
C SER D 107 -13.79 7.62 -5.68
N LYS D 108 -12.72 6.82 -5.65
CA LYS D 108 -11.64 6.94 -6.61
C LYS D 108 -11.99 6.35 -7.96
N LEU D 109 -13.08 5.58 -8.05
CA LEU D 109 -13.56 5.07 -9.31
C LEU D 109 -14.63 5.96 -9.93
N ALA D 110 -15.10 6.96 -9.19
CA ALA D 110 -16.01 7.98 -9.72
C ALA D 110 -15.26 9.26 -10.07
N ARG D 111 -14.25 9.62 -9.27
CA ARG D 111 -13.44 10.79 -9.57
C ARG D 111 -12.64 10.60 -10.85
N TYR D 112 -12.06 9.40 -11.02
CA TYR D 112 -11.22 9.14 -12.19
C TYR D 112 -12.06 8.79 -13.39
N ASN D 113 -13.37 9.07 -13.32
CA ASN D 113 -14.25 8.89 -14.46
C ASN D 113 -15.16 10.09 -14.67
N LYS D 114 -14.98 11.19 -13.92
CA LYS D 114 -15.78 12.39 -14.04
C LYS D 114 -17.26 12.07 -13.89
N LYS D 115 -17.54 11.16 -12.96
CA LYS D 115 -18.89 10.73 -12.65
C LYS D 115 -19.24 11.13 -11.23
N PRO D 116 -20.27 11.96 -11.04
CA PRO D 116 -20.62 12.44 -9.69
C PRO D 116 -21.44 11.49 -8.86
N THR D 117 -21.61 10.23 -9.27
CA THR D 117 -22.49 9.31 -8.58
C THR D 117 -21.76 8.03 -8.19
N ILE D 118 -22.07 7.53 -7.00
CA ILE D 118 -21.59 6.22 -6.57
C ILE D 118 -22.75 5.24 -6.72
N THR D 119 -22.78 4.55 -7.85
CA THR D 119 -23.82 3.57 -8.11
C THR D 119 -23.41 2.20 -7.56
N SER D 120 -24.27 1.20 -7.77
CA SER D 120 -23.95 -0.15 -7.35
C SER D 120 -22.80 -0.73 -8.17
N ARG D 121 -22.62 -0.25 -9.39
CA ARG D 121 -21.53 -0.73 -10.23
C ARG D 121 -20.17 -0.36 -9.64
N GLU D 122 -20.05 0.86 -9.11
CA GLU D 122 -18.81 1.25 -8.45
C GLU D 122 -18.54 0.39 -7.22
N ILE D 123 -19.58 0.08 -6.45
CA ILE D 123 -19.40 -0.76 -5.27
C ILE D 123 -18.97 -2.16 -5.67
N GLN D 124 -19.54 -2.69 -6.75
CA GLN D 124 -19.13 -4.00 -7.23
C GLN D 124 -17.67 -4.00 -7.67
N THR D 125 -17.25 -2.96 -8.39
CA THR D 125 -15.85 -2.88 -8.80
C THR D 125 -14.93 -2.76 -7.59
N ALA D 126 -15.32 -2.00 -6.59
CA ALA D 126 -14.51 -1.89 -5.37
C ALA D 126 -14.43 -3.23 -4.66
N VAL D 127 -15.53 -3.99 -4.64
CA VAL D 127 -15.52 -5.31 -4.01
C VAL D 127 -14.57 -6.24 -4.76
N ARG D 128 -14.64 -6.24 -6.08
CA ARG D 128 -13.73 -7.08 -6.87
C ARG D 128 -12.29 -6.62 -6.79
N LEU D 129 -12.02 -5.36 -6.46
CA LEU D 129 -10.65 -4.88 -6.36
C LEU D 129 -10.06 -5.01 -4.96
N VAL D 130 -10.89 -5.07 -3.92
CA VAL D 130 -10.38 -5.14 -2.56
C VAL D 130 -10.29 -6.58 -2.07
N LEU D 131 -11.37 -7.33 -2.18
CA LEU D 131 -11.44 -8.64 -1.56
C LEU D 131 -10.66 -9.67 -2.37
N PRO D 132 -10.13 -10.72 -1.71
CA PRO D 132 -9.50 -11.82 -2.45
C PRO D 132 -10.51 -12.62 -3.27
N GLY D 133 -10.01 -13.55 -4.09
CA GLY D 133 -10.80 -14.17 -5.15
C GLY D 133 -12.14 -14.77 -4.79
N GLU D 134 -12.15 -15.89 -4.07
CA GLU D 134 -13.41 -16.55 -3.76
C GLU D 134 -14.28 -15.70 -2.84
N LEU D 135 -13.65 -14.98 -1.91
CA LEU D 135 -14.38 -14.05 -1.06
C LEU D 135 -15.06 -12.98 -1.90
N ALA D 136 -14.35 -12.43 -2.89
CA ALA D 136 -14.95 -11.43 -3.77
C ALA D 136 -16.09 -12.01 -4.59
N LYS D 137 -15.95 -13.24 -5.09
CA LYS D 137 -17.02 -13.84 -5.87
C LYS D 137 -18.27 -14.02 -5.02
N HIS D 138 -18.12 -14.53 -3.80
CA HIS D 138 -19.28 -14.68 -2.93
C HIS D 138 -19.89 -13.34 -2.57
N ALA D 139 -19.06 -12.32 -2.35
CA ALA D 139 -19.57 -11.00 -1.99
C ALA D 139 -20.37 -10.39 -3.13
N VAL D 140 -19.88 -10.49 -4.37
CA VAL D 140 -20.62 -9.92 -5.48
C VAL D 140 -21.91 -10.69 -5.70
N SER D 141 -21.89 -12.02 -5.47
CA SER D 141 -23.13 -12.78 -5.55
C SER D 141 -24.16 -12.28 -4.53
N GLU D 142 -23.73 -12.11 -3.29
CA GLU D 142 -24.66 -11.65 -2.25
C GLU D 142 -25.18 -10.26 -2.53
N GLY D 143 -24.30 -9.36 -2.98
CA GLY D 143 -24.74 -8.00 -3.29
C GLY D 143 -25.71 -7.95 -4.45
N THR D 144 -25.45 -8.73 -5.50
CA THR D 144 -26.39 -8.77 -6.62
C THR D 144 -27.73 -9.32 -6.19
N LYS D 145 -27.73 -10.37 -5.36
CA LYS D 145 -28.97 -10.91 -4.84
C LYS D 145 -29.74 -9.85 -4.05
N ALA D 146 -29.05 -9.10 -3.19
CA ALA D 146 -29.72 -8.08 -2.39
C ALA D 146 -30.29 -6.96 -3.25
N VAL D 147 -29.53 -6.49 -4.24
CA VAL D 147 -30.03 -5.42 -5.09
C VAL D 147 -31.22 -5.90 -5.92
N THR D 148 -31.17 -7.14 -6.43
CA THR D 148 -32.30 -7.68 -7.16
C THR D 148 -33.54 -7.75 -6.29
N LYS D 149 -33.40 -8.24 -5.06
CA LYS D 149 -34.55 -8.30 -4.17
C LYS D 149 -35.07 -6.92 -3.83
N PHE D 150 -34.19 -5.94 -3.63
CA PHE D 150 -34.62 -4.59 -3.30
C PHE D 150 -35.38 -3.95 -4.45
N THR D 151 -34.85 -4.07 -5.67
CA THR D 151 -35.51 -3.50 -6.83
C THR D 151 -36.84 -4.18 -7.10
N SER D 152 -36.88 -5.50 -6.99
CA SER D 152 -38.13 -6.23 -7.24
C SER D 152 -39.19 -5.86 -6.20
N SER D 153 -38.79 -5.77 -4.94
CA SER D 153 -39.72 -5.44 -3.87
C SER D 153 -39.29 -4.18 -3.12
N LEU E 64 2.47 -9.27 27.47
CA LEU E 64 3.59 -8.50 26.95
C LEU E 64 4.93 -9.10 27.40
N LEU E 65 5.90 -9.08 26.49
CA LEU E 65 7.23 -9.64 26.75
C LEU E 65 8.26 -8.57 27.08
N ILE E 66 7.94 -7.29 26.90
CA ILE E 66 8.82 -6.19 27.25
C ILE E 66 8.22 -5.46 28.44
N ARG E 67 9.07 -5.13 29.41
CA ARG E 67 8.60 -4.38 30.57
C ARG E 67 8.15 -2.98 30.14
N LYS E 68 7.11 -2.48 30.81
CA LYS E 68 6.43 -1.28 30.31
C LYS E 68 7.27 -0.02 30.50
N LEU E 69 7.90 0.15 31.66
CA LEU E 69 8.65 1.38 31.92
C LEU E 69 9.85 1.55 30.98
N PRO E 70 10.71 0.55 30.75
CA PRO E 70 11.80 0.77 29.80
C PRO E 70 11.31 1.11 28.40
N PHE E 71 10.23 0.48 27.94
CA PHE E 71 9.71 0.80 26.62
C PHE E 71 9.15 2.20 26.56
N GLN E 72 8.47 2.63 27.62
CA GLN E 72 7.94 3.99 27.66
C GLN E 72 9.06 5.01 27.64
N ARG E 73 10.13 4.76 28.41
CA ARG E 73 11.28 5.66 28.40
C ARG E 73 11.94 5.69 27.02
N LEU E 74 12.06 4.52 26.37
CA LEU E 74 12.66 4.49 25.04
C LEU E 74 11.80 5.27 24.03
N VAL E 75 10.49 5.12 24.11
CA VAL E 75 9.61 5.84 23.20
C VAL E 75 9.74 7.34 23.40
N ARG E 76 9.80 7.77 24.67
CA ARG E 76 9.96 9.20 24.94
C ARG E 76 11.31 9.70 24.44
N GLU E 77 12.37 8.91 24.63
CA GLU E 77 13.69 9.32 24.18
C GLU E 77 13.74 9.45 22.66
N ILE E 78 13.11 8.52 21.95
CA ILE E 78 13.06 8.62 20.49
C ILE E 78 12.25 9.83 20.07
N ALA E 79 11.10 10.07 20.72
CA ALA E 79 10.24 11.18 20.34
C ALA E 79 10.85 12.53 20.67
N GLN E 80 11.82 12.56 21.59
CA GLN E 80 12.47 13.83 21.92
C GLN E 80 13.11 14.47 20.71
N ASP E 81 13.58 13.69 19.74
CA ASP E 81 14.28 14.23 18.59
C ASP E 81 13.35 14.80 17.53
N PHE E 82 12.04 14.54 17.62
CA PHE E 82 11.10 15.06 16.65
C PHE E 82 10.35 16.29 17.12
N LYS E 83 10.08 16.38 18.42
CA LYS E 83 9.54 17.61 19.01
C LYS E 83 9.84 17.59 20.50
N THR E 84 10.26 18.74 21.02
CA THR E 84 10.49 18.87 22.44
C THR E 84 9.18 19.05 23.19
N ASP E 85 9.16 18.54 24.42
CA ASP E 85 8.02 18.67 25.32
C ASP E 85 6.75 18.05 24.72
N LEU E 86 6.79 16.74 24.56
CA LEU E 86 5.63 15.95 24.19
C LEU E 86 5.04 15.24 25.40
N ARG E 87 3.75 15.01 25.34
CA ARG E 87 3.05 14.19 26.32
C ARG E 87 2.46 12.99 25.62
N PHE E 88 2.47 11.85 26.28
CA PHE E 88 2.00 10.60 25.72
C PHE E 88 0.84 10.08 26.55
N GLN E 89 -0.17 9.57 25.88
CA GLN E 89 -1.25 8.87 26.56
C GLN E 89 -0.83 7.44 26.83
N SER E 90 -1.44 6.84 27.86
CA SER E 90 -1.13 5.46 28.18
C SER E 90 -1.52 4.53 27.03
N SER E 91 -2.64 4.82 26.38
CA SER E 91 -3.09 3.99 25.27
C SER E 91 -2.09 4.03 24.12
N ALA E 92 -1.47 5.18 23.87
CA ALA E 92 -0.49 5.27 22.79
C ALA E 92 0.72 4.39 23.05
N VAL E 93 1.26 4.42 24.27
CA VAL E 93 2.40 3.57 24.60
C VAL E 93 2.01 2.10 24.54
N ALA E 94 0.79 1.78 24.98
CA ALA E 94 0.34 0.39 24.91
C ALA E 94 0.26 -0.09 23.46
N ALA E 95 -0.31 0.73 22.57
CA ALA E 95 -0.41 0.36 21.17
C ALA E 95 0.97 0.22 20.53
N LEU E 96 1.88 1.14 20.85
CA LEU E 96 3.24 1.04 20.32
C LEU E 96 3.92 -0.24 20.79
N GLN E 97 3.74 -0.59 22.06
CA GLN E 97 4.35 -1.81 22.57
C GLN E 97 3.79 -3.05 21.89
N GLU E 98 2.47 -3.10 21.70
CA GLU E 98 1.86 -4.24 21.02
C GLU E 98 2.40 -4.37 19.60
N ALA E 99 2.45 -3.24 18.86
CA ALA E 99 2.94 -3.28 17.49
C ALA E 99 4.39 -3.71 17.44
N ALA E 100 5.20 -3.21 18.33
CA ALA E 100 6.58 -3.53 18.36
C ALA E 100 6.80 -4.98 18.65
N GLU E 101 6.12 -5.55 19.61
CA GLU E 101 6.26 -6.97 19.91
C GLU E 101 5.83 -7.83 18.73
N ALA E 102 4.71 -7.47 18.08
CA ALA E 102 4.28 -8.25 16.92
C ALA E 102 5.31 -8.19 15.80
N TYR E 103 5.87 -7.00 15.55
CA TYR E 103 6.88 -6.84 14.51
C TYR E 103 8.11 -7.68 14.79
N LEU E 104 8.58 -7.66 16.05
CA LEU E 104 9.77 -8.43 16.39
C LEU E 104 9.53 -9.93 16.30
N VAL E 105 8.33 -10.38 16.69
CA VAL E 105 8.02 -11.81 16.56
C VAL E 105 8.01 -12.24 15.11
N GLY E 106 7.40 -11.44 14.24
CA GLY E 106 7.40 -11.77 12.82
C GLY E 106 8.80 -11.78 12.22
N LEU E 107 9.61 -10.79 12.59
CA LEU E 107 10.99 -10.74 12.13
C LEU E 107 11.76 -11.98 12.59
N PHE E 108 11.52 -12.42 13.83
CA PHE E 108 12.23 -13.59 14.33
C PHE E 108 11.76 -14.87 13.65
N GLU E 109 10.49 -14.95 13.27
CA GLU E 109 10.04 -16.08 12.47
C GLU E 109 10.78 -16.13 11.14
N ASP E 110 10.85 -14.99 10.45
CA ASP E 110 11.56 -14.95 9.17
C ASP E 110 13.05 -15.28 9.36
N THR E 111 13.64 -14.79 10.44
CA THR E 111 15.04 -15.10 10.75
C THR E 111 15.22 -16.59 10.98
N ASN E 112 14.25 -17.24 11.62
CA ASN E 112 14.34 -18.68 11.84
C ASN E 112 14.29 -19.44 10.52
N LEU E 113 13.42 -19.02 9.60
CA LEU E 113 13.42 -19.64 8.28
C LEU E 113 14.76 -19.46 7.58
N CYS E 114 15.34 -18.27 7.66
CA CYS E 114 16.64 -18.03 7.06
C CYS E 114 17.72 -18.93 7.67
N ALA E 115 17.69 -19.08 9.00
CA ALA E 115 18.67 -19.92 9.68
C ALA E 115 18.51 -21.38 9.30
N ILE E 116 17.28 -21.86 9.19
CA ILE E 116 17.05 -23.24 8.77
C ILE E 116 17.54 -23.45 7.33
N HIS E 117 17.39 -22.42 6.49
CA HIS E 117 17.85 -22.53 5.10
C HIS E 117 19.34 -22.82 5.03
N ALA E 118 20.13 -22.26 5.96
CA ALA E 118 21.57 -22.44 5.98
C ALA E 118 22.01 -23.63 6.80
N LYS E 119 21.11 -24.58 7.05
CA LYS E 119 21.39 -25.77 7.85
C LYS E 119 21.96 -25.40 9.23
N ARG E 120 21.13 -24.65 9.97
CA ARG E 120 21.52 -24.20 11.30
C ARG E 120 20.30 -24.16 12.19
N VAL E 121 20.58 -24.13 13.50
CA VAL E 121 19.55 -23.95 14.52
C VAL E 121 19.80 -22.72 15.38
N THR E 122 20.93 -22.05 15.21
CA THR E 122 21.29 -20.85 15.95
C THR E 122 21.26 -19.68 14.99
N ILE E 123 20.49 -18.66 15.31
CA ILE E 123 20.34 -17.50 14.44
C ILE E 123 21.44 -16.49 14.73
N MET E 124 22.06 -15.96 13.66
CA MET E 124 23.06 -14.91 13.77
C MET E 124 22.58 -13.64 13.06
N PRO E 125 23.26 -12.50 13.24
CA PRO E 125 22.77 -11.25 12.62
C PRO E 125 22.65 -11.31 11.11
N LYS E 126 23.41 -12.16 10.43
CA LYS E 126 23.29 -12.26 8.98
C LYS E 126 21.90 -12.72 8.58
N ASP E 127 21.29 -13.60 9.37
CA ASP E 127 19.92 -14.04 9.09
C ASP E 127 18.94 -12.88 9.17
N ILE E 128 19.06 -12.06 10.21
CA ILE E 128 18.17 -10.91 10.36
C ILE E 128 18.40 -9.93 9.22
N GLN E 129 19.65 -9.71 8.84
CA GLN E 129 19.94 -8.81 7.74
C GLN E 129 19.33 -9.29 6.44
N LEU E 130 19.44 -10.60 6.16
CA LEU E 130 18.85 -11.13 4.94
C LEU E 130 17.33 -11.02 4.97
N ALA E 131 16.72 -11.29 6.12
CA ALA E 131 15.27 -11.19 6.23
C ALA E 131 14.81 -9.76 5.99
N ARG E 132 15.49 -8.80 6.59
CA ARG E 132 15.13 -7.39 6.41
C ARG E 132 15.34 -6.95 4.97
N ARG E 133 16.41 -7.42 4.34
CA ARG E 133 16.70 -7.01 2.97
C ARG E 133 15.67 -7.58 1.99
N ILE E 134 15.30 -8.84 2.14
CA ILE E 134 14.26 -9.40 1.28
C ILE E 134 12.92 -8.71 1.54
N ARG E 135 12.65 -8.38 2.80
CA ARG E 135 11.44 -7.64 3.13
C ARG E 135 11.41 -6.28 2.46
N GLY E 136 12.54 -5.58 2.46
CA GLY E 136 12.64 -4.27 1.87
C GLY E 136 12.83 -3.14 2.84
N GLU E 137 12.99 -3.43 4.13
CA GLU E 137 13.14 -2.38 5.13
C GLU E 137 14.53 -1.76 5.10
N ARG E 138 15.54 -2.55 4.80
CA ARG E 138 16.92 -2.06 4.68
C ARG E 138 17.33 -2.06 3.22
N ALA E 139 17.87 -0.93 2.76
CA ALA E 139 18.31 -0.80 1.38
C ALA E 139 19.41 0.26 1.27
N ASN F 29 18.72 4.43 26.87
CA ASN F 29 17.52 3.77 27.35
C ASN F 29 17.17 2.57 26.49
N ILE F 30 17.91 2.39 25.39
CA ILE F 30 17.72 1.24 24.54
C ILE F 30 18.13 -0.05 25.25
N GLN F 31 19.02 0.05 26.23
CA GLN F 31 19.42 -1.12 27.00
C GLN F 31 18.33 -1.63 27.92
N GLY F 32 17.24 -0.88 28.07
CA GLY F 32 16.09 -1.38 28.81
C GLY F 32 15.41 -2.56 28.15
N ILE F 33 15.58 -2.71 26.83
CA ILE F 33 15.12 -3.90 26.13
C ILE F 33 16.20 -4.95 26.32
N THR F 34 16.10 -5.71 27.40
CA THR F 34 17.21 -6.51 27.88
C THR F 34 17.33 -7.82 27.12
N LYS F 35 18.36 -8.58 27.48
CA LYS F 35 18.64 -9.85 26.82
C LYS F 35 17.50 -10.86 26.99
N PRO F 36 16.98 -11.12 28.20
CA PRO F 36 15.87 -12.08 28.30
C PRO F 36 14.60 -11.64 27.61
N ALA F 37 14.33 -10.33 27.50
CA ALA F 37 13.16 -9.89 26.75
C ALA F 37 13.28 -10.25 25.27
N ILE F 38 14.45 -10.00 24.69
CA ILE F 38 14.69 -10.39 23.30
C ILE F 38 14.62 -11.89 23.15
N ARG F 39 15.15 -12.62 24.13
CA ARG F 39 15.11 -14.09 24.07
C ARG F 39 13.68 -14.60 24.11
N ARG F 40 12.84 -14.01 24.96
CA ARG F 40 11.43 -14.40 25.02
C ARG F 40 10.71 -14.08 23.72
N LEU F 41 10.99 -12.92 23.13
CA LEU F 41 10.39 -12.60 21.83
C LEU F 41 10.81 -13.61 20.77
N ALA F 42 12.09 -14.01 20.78
CA ALA F 42 12.56 -14.99 19.82
C ALA F 42 11.91 -16.34 20.03
N ARG F 43 11.75 -16.76 21.28
CA ARG F 43 11.09 -18.03 21.57
C ARG F 43 9.63 -17.99 21.13
N ARG F 44 8.98 -16.83 21.26
CA ARG F 44 7.62 -16.68 20.76
C ARG F 44 7.57 -16.97 19.26
N GLY F 45 8.62 -16.60 18.52
CA GLY F 45 8.74 -16.87 17.11
C GLY F 45 9.26 -18.24 16.74
N GLY F 46 9.63 -19.05 17.71
CA GLY F 46 10.08 -20.40 17.45
C GLY F 46 11.58 -20.60 17.40
N VAL F 47 12.37 -19.58 17.71
CA VAL F 47 13.82 -19.72 17.65
C VAL F 47 14.30 -20.60 18.79
N LYS F 48 15.18 -21.54 18.49
CA LYS F 48 15.62 -22.50 19.49
C LYS F 48 16.90 -22.05 20.20
N ARG F 49 17.89 -21.56 19.47
CA ARG F 49 19.12 -21.07 20.11
C ARG F 49 19.49 -19.73 19.50
N ILE F 50 19.92 -18.79 20.34
CA ILE F 50 20.15 -17.41 19.97
C ILE F 50 21.63 -17.10 20.15
N SER F 51 22.23 -16.48 19.14
CA SER F 51 23.63 -16.09 19.22
C SER F 51 23.77 -14.87 20.14
N GLY F 52 25.02 -14.51 20.43
CA GLY F 52 25.28 -13.44 21.37
C GLY F 52 25.23 -12.06 20.74
N LEU F 53 25.34 -12.00 19.42
CA LEU F 53 25.33 -10.74 18.71
C LEU F 53 23.95 -10.35 18.20
N ILE F 54 22.93 -11.16 18.47
CA ILE F 54 21.58 -10.87 17.99
C ILE F 54 21.01 -9.64 18.69
N TYR F 55 21.34 -9.45 19.97
CA TYR F 55 20.67 -8.45 20.78
C TYR F 55 20.90 -7.03 20.26
N GLU F 56 22.13 -6.70 19.88
CA GLU F 56 22.40 -5.36 19.38
C GLU F 56 21.66 -5.09 18.08
N GLU F 57 21.66 -6.07 17.17
CA GLU F 57 20.95 -5.92 15.91
C GLU F 57 19.45 -5.76 16.14
N THR F 58 18.90 -6.54 17.08
CA THR F 58 17.48 -6.41 17.41
C THR F 58 17.17 -5.03 17.96
N ARG F 59 18.05 -4.50 18.81
CA ARG F 59 17.84 -3.16 19.34
C ARG F 59 17.85 -2.12 18.23
N GLY F 60 18.77 -2.24 17.27
CA GLY F 60 18.79 -1.32 16.15
C GLY F 60 17.52 -1.40 15.31
N VAL F 61 17.05 -2.61 15.05
CA VAL F 61 15.84 -2.79 14.26
C VAL F 61 14.65 -2.17 14.98
N LEU F 62 14.55 -2.40 16.29
CA LEU F 62 13.46 -1.82 17.06
C LEU F 62 13.52 -0.29 17.04
N LYS F 63 14.73 0.27 17.15
CA LYS F 63 14.86 1.72 17.10
C LYS F 63 14.38 2.27 15.76
N ILE F 64 14.74 1.60 14.66
CA ILE F 64 14.30 2.08 13.34
C ILE F 64 12.77 2.04 13.24
N PHE F 65 12.18 0.92 13.67
CA PHE F 65 10.72 0.79 13.61
C PHE F 65 10.03 1.88 14.41
N LEU F 66 10.48 2.09 15.65
CA LEU F 66 9.86 3.09 16.50
C LEU F 66 10.09 4.49 15.95
N GLU F 67 11.26 4.75 15.35
CA GLU F 67 11.51 6.06 14.78
C GLU F 67 10.51 6.36 13.67
N ASN F 68 10.28 5.41 12.77
CA ASN F 68 9.30 5.63 11.71
C ASN F 68 7.91 5.88 12.27
N VAL F 69 7.45 5.00 13.16
CA VAL F 69 6.08 5.11 13.66
C VAL F 69 5.89 6.41 14.43
N ILE F 70 6.85 6.77 15.29
CA ILE F 70 6.74 7.97 16.10
C ILE F 70 6.84 9.22 15.24
N ARG F 71 7.63 9.19 14.16
CA ARG F 71 7.66 10.32 13.24
C ARG F 71 6.29 10.57 12.65
N ASP F 72 5.63 9.51 12.16
CA ASP F 72 4.29 9.69 11.61
C ASP F 72 3.30 10.16 12.68
N ALA F 73 3.39 9.59 13.88
CA ALA F 73 2.46 9.97 14.95
C ALA F 73 2.64 11.43 15.34
N VAL F 74 3.89 11.89 15.43
CA VAL F 74 4.15 13.28 15.78
C VAL F 74 3.65 14.20 14.67
N THR F 75 3.78 13.80 13.40
CA THR F 75 3.20 14.60 12.33
C THR F 75 1.69 14.75 12.52
N TYR F 76 1.02 13.64 12.85
CA TYR F 76 -0.43 13.71 13.06
C TYR F 76 -0.78 14.59 14.26
N THR F 77 0.02 14.53 15.33
CA THR F 77 -0.23 15.42 16.47
C THR F 77 -0.04 16.88 16.08
N GLU F 78 0.96 17.17 15.26
CA GLU F 78 1.17 18.54 14.79
C GLU F 78 -0.03 19.03 13.99
N HIS F 79 -0.62 18.16 13.16
CA HIS F 79 -1.75 18.57 12.34
C HIS F 79 -2.93 19.03 13.20
N ALA F 80 -3.10 18.45 14.38
CA ALA F 80 -4.25 18.75 15.22
C ALA F 80 -4.00 19.87 16.21
N ARG F 81 -2.84 20.53 16.14
CA ARG F 81 -2.45 21.56 17.10
C ARG F 81 -2.49 21.03 18.53
N ARG F 82 -1.84 19.89 18.76
CA ARG F 82 -1.83 19.26 20.06
C ARG F 82 -0.41 19.16 20.58
N LYS F 83 -0.31 18.86 21.88
CA LYS F 83 0.96 18.55 22.52
C LYS F 83 0.93 17.18 23.16
N THR F 84 -0.05 16.35 22.81
CA THR F 84 -0.18 14.99 23.31
C THR F 84 -0.34 14.05 22.13
N VAL F 85 0.31 12.89 22.21
CA VAL F 85 0.16 11.86 21.20
C VAL F 85 -0.94 10.91 21.66
N THR F 86 -1.98 10.77 20.84
CA THR F 86 -3.12 9.94 21.16
C THR F 86 -3.00 8.57 20.49
N ALA F 87 -3.90 7.68 20.87
CA ALA F 87 -3.90 6.33 20.31
C ALA F 87 -4.23 6.35 18.83
N MET F 88 -5.13 7.22 18.40
CA MET F 88 -5.50 7.27 16.98
C MET F 88 -4.33 7.68 16.11
N ASP F 89 -3.45 8.55 16.61
CA ASP F 89 -2.26 8.92 15.84
C ASP F 89 -1.35 7.73 15.61
N VAL F 90 -1.13 6.91 16.65
CA VAL F 90 -0.31 5.72 16.50
C VAL F 90 -0.99 4.72 15.58
N VAL F 91 -2.31 4.59 15.68
CA VAL F 91 -3.04 3.67 14.82
C VAL F 91 -2.90 4.07 13.36
N TYR F 92 -3.06 5.37 13.08
CA TYR F 92 -2.90 5.86 11.71
C TYR F 92 -1.47 5.69 11.22
N ALA F 93 -0.49 5.96 12.08
CA ALA F 93 0.91 5.79 11.71
C ALA F 93 1.20 4.35 11.33
N LEU F 94 0.68 3.40 12.09
CA LEU F 94 0.88 1.99 11.77
C LEU F 94 0.08 1.58 10.54
N LYS F 95 -1.07 2.21 10.29
CA LYS F 95 -1.82 1.92 9.08
C LYS F 95 -1.07 2.35 7.84
N ARG F 96 -0.31 3.45 7.93
CA ARG F 96 0.50 3.86 6.78
C ARG F 96 1.53 2.80 6.41
N GLN F 97 1.92 1.97 7.36
CA GLN F 97 2.92 0.93 7.14
C GLN F 97 2.34 -0.45 6.92
N GLY F 98 1.02 -0.56 6.76
CA GLY F 98 0.42 -1.88 6.65
C GLY F 98 0.52 -2.70 7.92
N ARG F 99 0.25 -2.09 9.06
CA ARG F 99 0.36 -2.73 10.37
C ARG F 99 -0.93 -2.50 11.14
N THR F 100 -2.06 -2.80 10.51
CA THR F 100 -3.37 -2.50 11.08
C THR F 100 -3.50 -3.03 12.50
N LEU F 101 -3.93 -2.15 13.41
CA LEU F 101 -4.01 -2.45 14.82
C LEU F 101 -5.45 -2.26 15.29
N TYR F 102 -5.97 -3.24 16.01
CA TYR F 102 -7.36 -3.27 16.43
C TYR F 102 -7.46 -3.25 17.95
N GLY F 103 -8.53 -2.65 18.45
CA GLY F 103 -8.81 -2.65 19.87
C GLY F 103 -8.35 -1.43 20.64
N PHE F 104 -7.81 -0.41 19.97
CA PHE F 104 -7.36 0.80 20.64
C PHE F 104 -8.12 2.03 20.13
N GLY F 105 -9.43 1.89 19.93
CA GLY F 105 -10.26 3.01 19.53
C GLY F 105 -10.59 3.03 18.05
N GLY F 106 -10.84 1.86 17.47
CA GLY F 106 -11.18 1.77 16.06
C GLY F 106 -12.67 1.85 15.81
N SER G 19 -0.58 42.83 -13.43
CA SER G 19 -0.82 41.60 -14.15
C SER G 19 0.27 40.56 -13.86
N THR G 20 0.85 40.64 -12.67
CA THR G 20 1.89 39.71 -12.27
C THR G 20 1.27 38.37 -11.90
N SER G 21 1.84 37.30 -12.44
CA SER G 21 1.32 35.97 -12.19
C SER G 21 1.58 35.55 -10.75
N ARG G 22 0.75 34.64 -10.25
CA ARG G 22 0.94 34.10 -8.92
C ARG G 22 2.22 33.28 -8.80
N SER G 23 2.73 32.76 -9.91
CA SER G 23 4.02 32.07 -9.89
C SER G 23 5.18 33.04 -9.77
N SER G 24 5.03 34.26 -10.26
CA SER G 24 6.05 35.29 -10.11
C SER G 24 6.05 35.91 -8.72
N LYS G 25 4.89 36.01 -8.08
CA LYS G 25 4.84 36.51 -6.71
C LYS G 25 5.56 35.60 -5.74
N ALA G 26 5.61 34.30 -6.02
CA ALA G 26 6.23 33.32 -5.13
C ALA G 26 7.68 33.03 -5.47
N GLY G 27 8.04 33.07 -6.73
CA GLY G 27 9.40 32.78 -7.13
C GLY G 27 9.55 31.38 -7.67
N LEU G 28 8.55 30.92 -8.42
CA LEU G 28 8.50 29.55 -8.91
C LEU G 28 8.36 29.56 -10.42
N GLN G 29 8.64 28.41 -11.02
CA GLN G 29 8.35 28.19 -12.43
C GLN G 29 7.12 27.34 -12.67
N PHE G 30 6.75 26.48 -11.74
CA PHE G 30 5.53 25.70 -11.89
C PHE G 30 4.31 26.63 -11.82
N PRO G 31 3.25 26.31 -12.55
CA PRO G 31 2.07 27.18 -12.59
C PRO G 31 1.23 27.04 -11.33
N VAL G 32 1.20 28.10 -10.53
CA VAL G 32 0.34 28.11 -9.34
C VAL G 32 -1.13 28.06 -9.75
N GLY G 33 -1.50 28.82 -10.77
CA GLY G 33 -2.89 28.86 -11.18
C GLY G 33 -3.38 27.52 -11.71
N ARG G 34 -2.56 26.84 -12.50
CA ARG G 34 -2.94 25.53 -13.02
C ARG G 34 -3.10 24.52 -11.89
N ILE G 35 -2.20 24.55 -10.91
CA ILE G 35 -2.31 23.64 -9.78
C ILE G 35 -3.57 23.93 -8.98
N ALA G 36 -3.88 25.21 -8.78
CA ALA G 36 -5.12 25.57 -8.09
C ALA G 36 -6.34 25.05 -8.84
N ARG G 37 -6.34 25.20 -10.16
CA ARG G 37 -7.47 24.74 -10.95
C ARG G 37 -7.59 23.21 -10.90
N PHE G 38 -6.45 22.52 -10.88
CA PHE G 38 -6.48 21.07 -10.68
C PHE G 38 -7.02 20.68 -9.33
N LEU G 39 -6.68 21.42 -8.28
CA LEU G 39 -7.21 21.17 -6.94
C LEU G 39 -8.67 21.54 -6.79
N LYS G 40 -9.20 22.38 -7.68
CA LYS G 40 -10.60 22.79 -7.59
C LYS G 40 -11.53 21.92 -8.42
N ASN G 41 -11.08 21.37 -9.54
CA ASN G 41 -11.91 20.54 -10.39
C ASN G 41 -11.69 19.05 -10.15
N GLY G 42 -10.86 18.69 -9.18
CA GLY G 42 -10.60 17.29 -8.90
C GLY G 42 -11.45 16.78 -7.77
N LYS G 43 -12.24 17.68 -7.16
CA LYS G 43 -13.13 17.36 -6.06
C LYS G 43 -12.37 16.70 -4.91
N TYR G 44 -11.32 17.41 -4.47
CA TYR G 44 -10.58 17.04 -3.28
C TYR G 44 -11.20 17.63 -2.03
N ALA G 45 -11.56 18.91 -2.06
CA ALA G 45 -12.35 19.55 -1.03
C ALA G 45 -13.23 20.60 -1.69
N THR G 46 -14.33 20.92 -1.02
CA THR G 46 -15.26 21.90 -1.58
C THR G 46 -14.64 23.28 -1.65
N ARG G 47 -13.65 23.56 -0.81
CA ARG G 47 -12.93 24.83 -0.81
C ARG G 47 -11.43 24.58 -0.80
N VAL G 48 -10.69 25.47 -1.46
CA VAL G 48 -9.23 25.42 -1.51
C VAL G 48 -8.69 26.78 -1.13
N GLY G 49 -7.71 26.80 -0.23
CA GLY G 49 -7.16 28.04 0.26
C GLY G 49 -6.21 28.68 -0.73
N ALA G 50 -5.61 29.79 -0.30
CA ALA G 50 -4.71 30.55 -1.14
C ALA G 50 -3.25 30.13 -1.00
N GLY G 51 -2.90 29.38 0.05
CA GLY G 51 -1.54 28.93 0.24
C GLY G 51 -1.28 27.49 -0.14
N ALA G 52 -2.31 26.72 -0.48
CA ALA G 52 -2.14 25.34 -0.91
C ALA G 52 -1.62 25.27 -2.34
N PRO G 53 -2.16 26.05 -3.29
CA PRO G 53 -1.57 26.05 -4.63
C PRO G 53 -0.13 26.55 -4.67
N VAL G 54 0.29 27.36 -3.71
CA VAL G 54 1.63 27.93 -3.70
C VAL G 54 2.61 27.01 -2.97
N TYR G 55 2.11 25.98 -2.31
CA TYR G 55 2.95 25.07 -1.54
C TYR G 55 3.27 23.81 -2.33
N LEU G 56 2.27 23.22 -3.00
CA LEU G 56 2.51 22.16 -3.96
C LEU G 56 3.37 22.61 -5.12
N ALA G 57 3.14 23.81 -5.65
CA ALA G 57 3.90 24.29 -6.79
C ALA G 57 5.37 24.51 -6.46
N ALA G 58 5.72 24.53 -5.18
CA ALA G 58 7.11 24.61 -4.73
C ALA G 58 7.68 23.25 -4.38
N VAL G 59 6.90 22.41 -3.70
CA VAL G 59 7.35 21.06 -3.40
C VAL G 59 7.61 20.28 -4.69
N LEU G 60 6.70 20.41 -5.65
CA LEU G 60 6.85 19.73 -6.94
C LEU G 60 8.06 20.24 -7.70
N GLU G 61 8.30 21.55 -7.65
CA GLU G 61 9.48 22.12 -8.31
C GLU G 61 10.75 21.59 -7.69
N TYR G 62 10.81 21.52 -6.36
CA TYR G 62 11.99 20.98 -5.71
C TYR G 62 12.21 19.52 -6.08
N LEU G 63 11.14 18.73 -6.12
CA LEU G 63 11.27 17.32 -6.47
C LEU G 63 11.74 17.14 -7.91
N ALA G 64 11.18 17.93 -8.84
CA ALA G 64 11.61 17.86 -10.22
C ALA G 64 13.08 18.26 -10.35
N ALA G 65 13.49 19.29 -9.60
CA ALA G 65 14.89 19.70 -9.63
C ALA G 65 15.81 18.59 -9.12
N GLU G 66 15.40 17.91 -8.04
CA GLU G 66 16.23 16.83 -7.50
C GLU G 66 16.36 15.68 -8.50
N VAL G 67 15.24 15.25 -9.08
CA VAL G 67 15.28 14.14 -10.02
C VAL G 67 16.08 14.51 -11.26
N LEU G 68 15.88 15.73 -11.78
CA LEU G 68 16.65 16.17 -12.93
C LEU G 68 18.13 16.29 -12.63
N GLU G 69 18.51 16.74 -11.43
CA GLU G 69 19.91 16.83 -11.08
C GLU G 69 20.57 15.46 -11.04
N LEU G 70 19.92 14.49 -10.39
CA LEU G 70 20.51 13.15 -10.35
C LEU G 70 20.57 12.51 -11.73
N ALA G 71 19.51 12.67 -12.54
CA ALA G 71 19.51 12.12 -13.88
C ALA G 71 20.59 12.76 -14.75
N GLY G 72 20.76 14.07 -14.64
CA GLY G 72 21.83 14.73 -15.37
C GLY G 72 23.20 14.29 -14.94
N ASN G 73 23.38 14.03 -13.64
CA ASN G 73 24.66 13.49 -13.18
C ASN G 73 24.92 12.11 -13.79
N ALA G 74 23.89 11.27 -13.82
CA ALA G 74 24.04 9.94 -14.43
C ALA G 74 24.37 10.05 -15.91
N ALA G 75 23.71 10.96 -16.62
CA ALA G 75 23.99 11.15 -18.04
C ALA G 75 25.40 11.69 -18.26
N ARG G 76 25.84 12.64 -17.43
CA ARG G 76 27.18 13.19 -17.57
C ARG G 76 28.24 12.14 -17.31
N ASP G 77 28.01 11.25 -16.34
CA ASP G 77 28.94 10.16 -16.10
C ASP G 77 29.05 9.23 -17.31
N ASN G 78 27.97 9.10 -18.09
CA ASN G 78 27.98 8.30 -19.30
C ASN G 78 28.39 9.10 -20.53
N LYS G 79 29.15 10.18 -20.35
CA LYS G 79 29.69 11.02 -21.42
C LYS G 79 28.65 11.36 -22.49
N LYS G 80 27.42 11.58 -22.06
CA LYS G 80 26.34 12.04 -22.93
C LYS G 80 25.84 13.39 -22.45
N THR G 81 25.18 14.11 -23.34
CA THR G 81 24.73 15.46 -23.05
C THR G 81 23.26 15.61 -23.40
N ARG G 82 22.49 14.54 -23.17
CA ARG G 82 21.05 14.57 -23.38
C ARG G 82 20.40 13.42 -22.62
N ILE G 83 19.55 13.74 -21.67
CA ILE G 83 18.96 12.73 -20.79
C ILE G 83 18.05 11.82 -21.57
N VAL G 84 18.22 10.51 -21.40
CA VAL G 84 17.42 9.50 -22.07
C VAL G 84 16.81 8.62 -20.99
N PRO G 85 15.60 8.06 -21.22
CA PRO G 85 14.90 7.27 -20.19
C PRO G 85 15.74 6.33 -19.31
N ARG G 86 16.84 5.78 -19.81
CA ARG G 86 17.65 4.94 -18.95
C ARG G 86 18.29 5.74 -17.82
N HIS G 87 18.66 7.00 -18.09
CA HIS G 87 19.32 7.82 -17.09
C HIS G 87 18.41 8.16 -15.92
N ILE G 88 17.10 8.26 -16.15
CA ILE G 88 16.17 8.47 -15.04
C ILE G 88 16.08 7.23 -14.17
N GLN G 89 16.14 6.04 -14.76
CA GLN G 89 16.11 4.79 -14.00
C GLN G 89 17.39 4.57 -13.20
N LEU G 90 18.47 5.29 -13.50
CA LEU G 90 19.66 5.26 -12.68
C LEU G 90 19.68 6.33 -11.61
N ALA G 91 18.88 7.39 -11.75
CA ALA G 91 18.75 8.39 -10.70
C ALA G 91 17.90 7.85 -9.55
N VAL G 92 16.80 7.18 -9.87
CA VAL G 92 15.83 6.73 -8.88
C VAL G 92 16.26 5.43 -8.23
N ARG G 93 17.25 4.75 -8.82
CA ARG G 93 17.70 3.45 -8.32
C ARG G 93 19.12 3.55 -7.77
N ASN G 94 19.52 4.77 -7.40
CA ASN G 94 20.77 4.96 -6.67
C ASN G 94 20.51 5.74 -5.39
N ASP G 95 19.56 6.67 -5.42
CA ASP G 95 19.15 7.37 -4.22
C ASP G 95 18.08 6.57 -3.49
N GLU G 96 18.33 6.28 -2.22
CA GLU G 96 17.40 5.46 -1.45
C GLU G 96 16.07 6.18 -1.22
N GLU G 97 16.11 7.50 -1.07
CA GLU G 97 14.90 8.26 -0.78
C GLU G 97 13.91 8.22 -1.94
N LEU G 98 14.40 8.38 -3.17
CA LEU G 98 13.51 8.31 -4.32
C LEU G 98 12.94 6.92 -4.50
N SER G 99 13.74 5.89 -4.29
CA SER G 99 13.26 4.51 -4.39
C SER G 99 12.21 4.20 -3.33
N LYS G 100 12.38 4.71 -2.11
CA LYS G 100 11.37 4.55 -1.08
C LYS G 100 10.12 5.37 -1.36
N LEU G 101 10.25 6.51 -2.04
CA LEU G 101 9.12 7.33 -2.40
C LEU G 101 8.31 6.72 -3.54
N LEU G 102 8.95 6.05 -4.49
CA LEU G 102 8.24 5.48 -5.64
C LEU G 102 8.09 3.97 -5.60
N GLY G 103 8.77 3.27 -4.68
CA GLY G 103 8.65 1.83 -4.62
C GLY G 103 9.26 1.16 -5.84
N ASP G 104 8.65 0.06 -6.24
CA ASP G 104 9.08 -0.67 -7.43
C ASP G 104 8.65 0.13 -8.66
N VAL G 105 9.59 0.87 -9.24
CA VAL G 105 9.31 1.74 -10.39
C VAL G 105 10.02 1.17 -11.60
N THR G 106 9.27 0.94 -12.67
CA THR G 106 9.80 0.43 -13.93
C THR G 106 9.58 1.49 -15.00
N ILE G 107 10.66 1.88 -15.66
CA ILE G 107 10.63 2.93 -16.68
C ILE G 107 10.66 2.28 -18.05
N ALA G 108 9.78 2.73 -18.94
CA ALA G 108 9.73 2.19 -20.28
C ALA G 108 10.97 2.59 -21.07
N ASN G 109 11.39 1.69 -21.95
CA ASN G 109 12.60 1.87 -22.75
C ASN G 109 13.82 2.17 -21.88
N GLY G 110 13.94 1.40 -20.81
CA GLY G 110 15.04 1.57 -19.87
C GLY G 110 15.64 0.26 -19.42
N SER H 62 -3.83 20.54 -26.76
CA SER H 62 -5.09 19.92 -26.41
C SER H 62 -5.02 19.27 -25.02
N VAL H 63 -3.84 18.80 -24.65
CA VAL H 63 -3.60 18.15 -23.37
C VAL H 63 -2.58 18.96 -22.59
N GLU H 64 -2.83 19.14 -21.29
CA GLU H 64 -1.97 19.95 -20.44
C GLU H 64 -0.82 19.11 -19.89
N THR H 65 0.40 19.59 -20.09
CA THR H 65 1.60 18.91 -19.62
C THR H 65 2.55 19.93 -19.01
N TYR H 66 3.42 19.44 -18.12
CA TYR H 66 4.46 20.26 -17.51
C TYR H 66 5.75 20.21 -18.33
N LYS H 67 5.69 20.48 -19.63
CA LYS H 67 6.91 20.40 -20.42
C LYS H 67 7.75 21.66 -20.29
N ILE H 68 7.13 22.84 -20.37
CA ILE H 68 7.88 24.08 -20.32
C ILE H 68 8.55 24.24 -18.97
N TYR H 69 7.84 23.93 -17.89
CA TYR H 69 8.36 24.16 -16.56
C TYR H 69 9.47 23.18 -16.21
N ILE H 70 9.32 21.91 -16.61
CA ILE H 70 10.39 20.94 -16.41
C ILE H 70 11.62 21.35 -17.21
N PHE H 71 11.40 21.86 -18.43
CA PHE H 71 12.54 22.32 -19.23
C PHE H 71 13.25 23.50 -18.55
N LYS H 72 12.49 24.43 -17.98
CA LYS H 72 13.09 25.55 -17.27
C LYS H 72 13.88 25.09 -16.06
N VAL H 73 13.32 24.17 -15.27
CA VAL H 73 14.03 23.67 -14.10
C VAL H 73 15.31 22.97 -14.51
N LEU H 74 15.26 22.21 -15.61
CA LEU H 74 16.49 21.60 -16.13
C LEU H 74 17.51 22.65 -16.53
N LYS H 75 17.07 23.68 -17.25
CA LYS H 75 17.98 24.74 -17.68
C LYS H 75 18.60 25.47 -16.50
N GLN H 76 17.94 25.47 -15.34
CA GLN H 76 18.56 26.03 -14.15
C GLN H 76 19.53 25.07 -13.46
N VAL H 77 19.15 23.82 -13.25
CA VAL H 77 20.03 22.91 -12.52
C VAL H 77 21.25 22.54 -13.37
N HIS H 78 21.04 22.24 -14.65
CA HIS H 78 22.13 21.83 -15.55
C HIS H 78 21.98 22.59 -16.86
N PRO H 79 22.80 23.63 -17.08
CA PRO H 79 22.65 24.44 -18.30
C PRO H 79 23.12 23.76 -19.57
N ASP H 80 23.82 22.64 -19.48
CA ASP H 80 24.42 22.01 -20.67
C ASP H 80 23.89 20.60 -20.93
N ILE H 81 22.67 20.29 -20.49
CA ILE H 81 22.07 19.00 -20.72
C ILE H 81 20.66 19.21 -21.23
N GLY H 82 20.24 18.38 -22.18
CA GLY H 82 18.91 18.47 -22.73
C GLY H 82 18.06 17.28 -22.36
N ILE H 83 16.81 17.25 -22.84
CA ILE H 83 15.85 16.21 -22.50
C ILE H 83 15.28 15.64 -23.79
N SER H 84 15.24 14.32 -23.89
CA SER H 84 14.54 13.67 -24.98
C SER H 84 13.03 13.66 -24.71
N SER H 85 12.26 13.49 -25.77
CA SER H 85 10.80 13.56 -25.64
C SER H 85 10.29 12.49 -24.68
N LYS H 86 10.85 11.29 -24.76
CA LYS H 86 10.46 10.24 -23.83
C LYS H 86 10.81 10.60 -22.40
N ALA H 87 11.95 11.26 -22.19
CA ALA H 87 12.30 11.71 -20.85
C ALA H 87 11.30 12.75 -20.34
N MET H 88 10.85 13.65 -21.21
CA MET H 88 9.80 14.59 -20.82
C MET H 88 8.51 13.87 -20.46
N GLY H 89 8.15 12.84 -21.21
CA GLY H 89 6.95 12.08 -20.86
C GLY H 89 7.07 11.43 -19.49
N ILE H 90 8.23 10.83 -19.21
CA ILE H 90 8.44 10.19 -17.91
C ILE H 90 8.40 11.22 -16.79
N MET H 91 9.04 12.37 -16.99
CA MET H 91 9.04 13.41 -15.97
C MET H 91 7.63 13.94 -15.73
N ASN H 92 6.84 14.12 -16.80
CA ASN H 92 5.46 14.53 -16.64
C ASN H 92 4.66 13.50 -15.84
N SER H 93 4.86 12.22 -16.15
CA SER H 93 4.17 11.17 -15.39
C SER H 93 4.56 11.21 -13.91
N PHE H 94 5.85 11.42 -13.63
CA PHE H 94 6.32 11.49 -12.26
C PHE H 94 5.69 12.66 -11.52
N ILE H 95 5.62 13.83 -12.18
CA ILE H 95 5.02 15.00 -11.56
C ILE H 95 3.55 14.78 -11.28
N ASN H 96 2.82 14.20 -12.24
CA ASN H 96 1.41 13.92 -12.03
C ASN H 96 1.21 12.92 -10.89
N ASP H 97 2.06 11.90 -10.82
CA ASP H 97 1.93 10.91 -9.74
C ASP H 97 2.15 11.55 -8.38
N ILE H 98 3.18 12.39 -8.25
CA ILE H 98 3.44 13.04 -6.97
C ILE H 98 2.31 14.00 -6.62
N PHE H 99 1.78 14.73 -7.61
CA PHE H 99 0.68 15.64 -7.35
C PHE H 99 -0.55 14.89 -6.87
N GLU H 100 -0.86 13.77 -7.51
CA GLU H 100 -2.01 12.97 -7.09
C GLU H 100 -1.79 12.41 -5.69
N LYS H 101 -0.58 11.94 -5.39
CA LYS H 101 -0.31 11.38 -4.07
C LYS H 101 -0.46 12.42 -2.98
N LEU H 102 0.00 13.65 -3.22
CA LEU H 102 -0.15 14.70 -2.22
C LEU H 102 -1.60 15.19 -2.11
N ALA H 103 -2.29 15.35 -3.24
CA ALA H 103 -3.67 15.83 -3.23
C ALA H 103 -4.61 14.83 -2.55
N SER H 104 -4.45 13.53 -2.83
CA SER H 104 -5.31 12.54 -2.21
C SER H 104 -5.12 12.49 -0.70
N GLU H 105 -3.87 12.55 -0.25
CA GLU H 105 -3.60 12.57 1.19
C GLU H 105 -4.18 13.81 1.84
N SER H 106 -4.02 14.97 1.19
CA SER H 106 -4.57 16.20 1.76
C SER H 106 -6.10 16.12 1.84
N SER H 107 -6.73 15.53 0.82
CA SER H 107 -8.18 15.35 0.87
C SER H 107 -8.58 14.43 2.01
N LYS H 108 -7.82 13.35 2.23
CA LYS H 108 -8.15 12.44 3.33
C LYS H 108 -8.04 13.14 4.68
N LEU H 109 -6.98 13.94 4.88
CA LEU H 109 -6.86 14.67 6.14
C LEU H 109 -7.95 15.72 6.30
N ALA H 110 -8.35 16.38 5.21
CA ALA H 110 -9.45 17.32 5.32
C ALA H 110 -10.75 16.60 5.68
N ARG H 111 -10.97 15.43 5.11
CA ARG H 111 -12.21 14.69 5.35
C ARG H 111 -12.26 14.14 6.76
N TYR H 112 -11.15 13.61 7.26
CA TYR H 112 -11.14 12.99 8.59
C TYR H 112 -11.42 14.01 9.68
N ASN H 113 -10.85 15.20 9.57
CA ASN H 113 -11.01 16.23 10.59
C ASN H 113 -12.25 17.09 10.37
N LYS H 114 -13.04 16.79 9.35
CA LYS H 114 -14.24 17.56 9.00
C LYS H 114 -13.89 19.02 8.72
N LYS H 115 -12.93 19.20 7.82
CA LYS H 115 -12.49 20.52 7.38
C LYS H 115 -12.98 20.75 5.96
N PRO H 116 -13.86 21.72 5.73
CA PRO H 116 -14.32 21.96 4.35
C PRO H 116 -13.21 22.34 3.39
N THR H 117 -12.18 23.04 3.87
CA THR H 117 -11.16 23.61 2.99
C THR H 117 -9.82 22.91 3.15
N ILE H 118 -9.02 22.98 2.09
CA ILE H 118 -7.65 22.45 2.08
C ILE H 118 -6.71 23.63 2.13
N THR H 119 -5.90 23.72 3.18
CA THR H 119 -5.01 24.83 3.42
C THR H 119 -3.56 24.41 3.26
N SER H 120 -2.66 25.35 3.50
CA SER H 120 -1.23 25.06 3.44
C SER H 120 -0.79 24.08 4.51
N ARG H 121 -1.46 24.06 5.66
CA ARG H 121 -1.05 23.16 6.72
C ARG H 121 -1.38 21.72 6.37
N GLU H 122 -2.51 21.50 5.70
CA GLU H 122 -2.84 20.16 5.21
C GLU H 122 -1.80 19.67 4.22
N ILE H 123 -1.38 20.55 3.31
CA ILE H 123 -0.39 20.14 2.31
C ILE H 123 0.96 19.89 2.97
N GLN H 124 1.29 20.68 3.99
CA GLN H 124 2.54 20.45 4.73
C GLN H 124 2.53 19.08 5.41
N THR H 125 1.41 18.73 6.04
CA THR H 125 1.31 17.41 6.66
C THR H 125 1.36 16.29 5.62
N ALA H 126 0.71 16.49 4.47
CA ALA H 126 0.79 15.49 3.41
C ALA H 126 2.22 15.32 2.92
N VAL H 127 2.96 16.43 2.79
CA VAL H 127 4.36 16.36 2.38
C VAL H 127 5.18 15.59 3.40
N ARG H 128 4.99 15.90 4.68
CA ARG H 128 5.74 15.22 5.72
C ARG H 128 5.32 13.77 5.90
N LEU H 129 4.16 13.38 5.39
CA LEU H 129 3.73 11.99 5.51
C LEU H 129 4.09 11.14 4.30
N VAL H 130 4.09 11.70 3.09
CA VAL H 130 4.36 10.89 1.90
C VAL H 130 5.81 10.94 1.44
N LEU H 131 6.58 11.92 1.88
CA LEU H 131 7.94 11.88 1.39
C LEU H 131 8.89 11.38 2.46
N PRO H 132 10.00 10.74 2.06
CA PRO H 132 11.01 10.33 3.05
C PRO H 132 11.69 11.51 3.72
N GLY H 133 12.54 11.24 4.71
CA GLY H 133 12.99 12.24 5.66
C GLY H 133 13.59 13.53 5.14
N GLU H 134 14.78 13.45 4.53
CA GLU H 134 15.46 14.67 4.10
C GLU H 134 14.69 15.37 3.00
N LEU H 135 14.08 14.60 2.10
CA LEU H 135 13.20 15.19 1.09
C LEU H 135 12.06 15.95 1.75
N ALA H 136 11.46 15.38 2.80
CA ALA H 136 10.37 16.05 3.49
C ALA H 136 10.84 17.35 4.11
N LYS H 137 12.01 17.33 4.75
CA LYS H 137 12.52 18.54 5.40
C LYS H 137 12.79 19.64 4.38
N HIS H 138 13.48 19.31 3.29
CA HIS H 138 13.80 20.31 2.29
C HIS H 138 12.54 20.82 1.59
N ALA H 139 11.58 19.94 1.33
CA ALA H 139 10.33 20.35 0.70
C ALA H 139 9.54 21.29 1.60
N VAL H 140 9.50 20.99 2.90
CA VAL H 140 8.80 21.87 3.83
C VAL H 140 9.47 23.23 3.87
N SER H 141 10.81 23.26 3.89
CA SER H 141 11.51 24.53 3.89
C SER H 141 11.19 25.34 2.64
N GLU H 142 11.25 24.71 1.46
CA GLU H 142 10.98 25.41 0.21
C GLU H 142 9.55 25.93 0.17
N GLY H 143 8.58 25.11 0.60
CA GLY H 143 7.20 25.54 0.58
C GLY H 143 6.92 26.69 1.53
N THR H 144 7.49 26.65 2.73
CA THR H 144 7.31 27.77 3.64
C THR H 144 7.95 29.03 3.09
N LYS H 145 9.13 28.91 2.47
CA LYS H 145 9.75 30.07 1.83
C LYS H 145 8.83 30.66 0.77
N ALA H 146 8.27 29.82 -0.09
CA ALA H 146 7.40 30.30 -1.15
C ALA H 146 6.14 30.94 -0.61
N VAL H 147 5.52 30.35 0.41
CA VAL H 147 4.29 30.89 0.97
C VAL H 147 4.56 32.23 1.65
N THR H 148 5.68 32.34 2.36
CA THR H 148 6.04 33.63 2.97
C THR H 148 6.27 34.70 1.91
N LYS H 149 7.01 34.36 0.86
CA LYS H 149 7.26 35.32 -0.21
C LYS H 149 6.00 35.72 -0.95
N PHE H 150 5.02 34.81 -1.05
CA PHE H 150 3.76 35.13 -1.71
C PHE H 150 2.86 36.00 -0.84
N THR H 151 2.79 35.70 0.46
CA THR H 151 1.95 36.50 1.36
C THR H 151 2.51 37.90 1.53
N SER H 152 3.83 38.00 1.75
CA SER H 152 4.44 39.31 1.97
C SER H 152 4.29 40.21 0.74
N SER H 153 4.49 39.66 -0.45
CA SER H 153 4.37 40.43 -1.67
C SER H 153 3.11 40.05 -2.44
#